data_5BNW
#
_entry.id   5BNW
#
_cell.length_a   138.183
_cell.length_b   150.176
_cell.length_c   199.241
_cell.angle_alpha   90.00
_cell.angle_beta   90.00
_cell.angle_gamma   90.00
#
_symmetry.space_group_name_H-M   'F 2 2 2'
#
loop_
_entity.id
_entity.type
_entity.pdbx_description
1 polymer 'UDP-N-acetylglucosamine--peptide N-acetylglucosaminyltransferase 110 kDa subunit'
2 polymer 'laminB1 residues 179-191'
3 non-polymer '(2S,3R,4R,5S,6R)-3-(acetylamino)-4,5-dihydroxy-6-(hydroxymethyl)tetrahydro-2H-thiopyran-2-yl [(2R,3S,4R,5R)-5-(2,4-dioxo-3,4-dihydropyrimidin-1(2H)-yl)-3,4-dihydroxytetrahydrofuran-2-yl]methyl dihydrogen diphosphate'
4 water water
#
loop_
_entity_poly.entity_id
_entity_poly.type
_entity_poly.pdbx_seq_one_letter_code
_entity_poly.pdbx_strand_id
1 'polypeptide(L)'
;GPGSCPTHADSLNNLANIKREQGNIEEAVRLYRKALEVFPEFAAAHSNLASVLQQQGKLQEALMHYKEAIRISPTFADAY
SNMGNTLKEMQDVQGALQCYTRAIQINPAFADAHSNLASIHKDSGNIPEAIASYRTALKLKPDFPDAYCNLAHCLQIVCD
WTDYDERMKKLVSIVADQLEKNRLPSVHPHHSMLYPLSHGFRKAIAERHGNLCLDKINVLHKPPYEHPKDLKLSDGRLRV
GYVSSDFGNHPTSHLMQSIPGMHNPDKFEVFCYALSPDDGTNFRVKVMAEANHFIDLSQIPCNGKAADRIHQDGIHILVN
MNGYTKGARNELFALRPAPIQAMWLGYPGTSGALFMDYIITDQETSPAEVAEQYSEKLAYMPHTFFIGDHANMFPHLKKK
AVIDFKSNGHIYDNRIVLNGIDLKAFLDSLPDVKIVKMKCPDGGDNADSSNTALNMPVIPMNTIAEAVIEMINRGQIQIT
INGFSISNGLATTQINNKAATGEEVPRTIIVTTRSQYGLPEDAIVYCNFNQLYKIDPSTLQMWANILKRVPNSVLWLLRF
PAVGEPNIQQYAQNMGLPQNRIIFSPVAPKEEHVRRGQLADVCLDTPLCNGHTTGMDVLWAGTPMVTMPGETLASRVAAS
QLTCLGCLELIAKNRQEYEDIAVKLGTDLEYLKKVRGKVWKQRISSPLFNTKQYTMELERLYLQMWEHYAAGNKPDHMIK
PVE
;
A
2 'polypeptide(L)' KLSPSPSSRVTVS D
#
loop_
_chem_comp.id
_chem_comp.type
_chem_comp.name
_chem_comp.formula
12V non-polymer '(2S,3R,4R,5S,6R)-3-(acetylamino)-4,5-dihydroxy-6-(hydroxymethyl)tetrahydro-2H-thiopyran-2-yl [(2R,3S,4R,5R)-5-(2,4-dioxo-3,4-dihydropyrimidin-1(2H)-yl)-3,4-dihydroxytetrahydrofuran-2-yl]methyl dihydrogen diphosphate' 'C17 H27 N3 O16 P2 S'
#
# COMPACT_ATOMS: atom_id res chain seq x y z
N PRO A 6 -23.34 35.18 28.09
CA PRO A 6 -22.78 33.82 28.16
C PRO A 6 -23.75 32.66 27.86
N THR A 7 -25.06 32.86 27.96
CA THR A 7 -26.01 31.88 27.40
C THR A 7 -26.33 32.21 25.93
N HIS A 8 -26.26 33.50 25.57
CA HIS A 8 -26.20 33.92 24.16
C HIS A 8 -24.99 33.23 23.49
N ALA A 9 -23.81 33.43 24.08
CA ALA A 9 -22.58 32.71 23.70
C ALA A 9 -22.73 31.19 23.64
N ASP A 10 -23.32 30.60 24.66
CA ASP A 10 -23.52 29.15 24.68
C ASP A 10 -24.43 28.65 23.56
N SER A 11 -25.44 29.42 23.16
CA SER A 11 -26.31 28.95 22.09
C SER A 11 -25.62 29.12 20.73
N LEU A 12 -24.90 30.21 20.53
CA LEU A 12 -23.98 30.30 19.35
C LEU A 12 -23.01 29.09 19.25
N ASN A 13 -22.44 28.70 20.39
CA ASN A 13 -21.48 27.60 20.42
C ASN A 13 -22.12 26.28 20.08
N ASN A 14 -23.25 25.98 20.71
CA ASN A 14 -23.96 24.71 20.41
C ASN A 14 -24.42 24.65 18.97
N LEU A 15 -24.87 25.78 18.44
CA LEU A 15 -25.28 25.85 17.03
C LEU A 15 -24.08 25.52 16.13
N ALA A 16 -23.00 26.27 16.36
CA ALA A 16 -21.71 25.99 15.76
C ALA A 16 -21.33 24.50 15.83
N ASN A 17 -21.46 23.87 16.99
CA ASN A 17 -21.19 22.44 17.05
C ASN A 17 -22.07 21.62 16.12
N ILE A 18 -23.36 21.96 16.02
CA ILE A 18 -24.24 21.18 15.15
C ILE A 18 -23.90 21.48 13.71
N LYS A 19 -23.65 22.74 13.38
CA LYS A 19 -23.22 23.11 12.03
C LYS A 19 -21.98 22.33 11.62
N ARG A 20 -21.10 22.10 12.60
CA ARG A 20 -19.89 21.32 12.38
C ARG A 20 -20.14 19.83 12.09
N GLU A 21 -20.87 19.14 12.98
CA GLU A 21 -21.27 17.75 12.73
C GLU A 21 -21.84 17.61 11.32
N GLN A 22 -22.71 18.54 10.91
CA GLN A 22 -23.34 18.51 9.59
C GLN A 22 -22.39 18.60 8.39
N GLY A 23 -21.22 19.21 8.61
CA GLY A 23 -20.25 19.48 7.54
C GLY A 23 -20.27 20.91 7.02
N ASN A 24 -20.97 21.82 7.71
CA ASN A 24 -21.01 23.22 7.33
C ASN A 24 -19.95 23.93 8.11
N ILE A 25 -18.74 23.94 7.56
CA ILE A 25 -17.53 24.30 8.29
C ILE A 25 -17.41 25.81 8.39
N GLU A 26 -17.57 26.48 7.24
CA GLU A 26 -17.55 27.94 7.23
C GLU A 26 -18.47 28.51 8.29
N GLU A 27 -19.70 28.01 8.31
CA GLU A 27 -20.74 28.58 9.14
C GLU A 27 -20.42 28.25 10.60
N ALA A 28 -19.99 27.02 10.86
CA ALA A 28 -19.46 26.69 12.21
C ALA A 28 -18.44 27.71 12.71
N VAL A 29 -17.47 28.08 11.88
CA VAL A 29 -16.40 29.03 12.27
C VAL A 29 -16.97 30.39 12.63
N ARG A 30 -17.79 30.91 11.73
CA ARG A 30 -18.47 32.20 11.87
C ARG A 30 -19.15 32.30 13.24
N LEU A 31 -19.84 31.23 13.61
CA LEU A 31 -20.55 31.17 14.89
C LEU A 31 -19.58 31.07 16.06
N TYR A 32 -18.54 30.23 15.99
CA TYR A 32 -17.56 30.21 17.12
C TYR A 32 -16.98 31.61 17.34
N ARG A 33 -16.66 32.31 16.26
CA ARG A 33 -16.06 33.64 16.41
C ARG A 33 -17.04 34.57 17.05
N LYS A 34 -18.31 34.49 16.62
CA LYS A 34 -19.37 35.35 17.16
C LYS A 34 -19.60 34.98 18.62
N ALA A 35 -19.58 33.68 18.95
CA ALA A 35 -19.54 33.27 20.36
C ALA A 35 -18.45 33.97 21.18
N LEU A 36 -17.25 34.09 20.63
CA LEU A 36 -16.13 34.72 21.36
C LEU A 36 -16.26 36.25 21.38
N GLU A 37 -16.82 36.77 20.28
CA GLU A 37 -17.16 38.18 20.18
C GLU A 37 -18.11 38.63 21.28
N VAL A 38 -18.99 37.73 21.72
CA VAL A 38 -19.95 38.03 22.79
C VAL A 38 -19.39 37.66 24.14
N PHE A 39 -18.65 36.55 24.20
CA PHE A 39 -18.03 36.13 25.47
C PHE A 39 -16.55 35.78 25.23
N PRO A 40 -15.65 36.77 25.32
CA PRO A 40 -14.20 36.54 25.05
C PRO A 40 -13.51 35.45 25.90
N GLU A 41 -13.85 35.34 27.19
CA GLU A 41 -13.26 34.34 28.09
C GLU A 41 -13.90 32.94 28.01
N PHE A 42 -14.32 32.52 26.83
CA PHE A 42 -15.13 31.30 26.66
C PHE A 42 -14.20 30.21 26.20
N ALA A 43 -13.74 29.38 27.12
CA ALA A 43 -12.73 28.38 26.78
C ALA A 43 -13.18 27.37 25.70
N ALA A 44 -14.37 26.81 25.87
CA ALA A 44 -14.85 25.79 24.95
C ALA A 44 -15.01 26.34 23.53
N ALA A 45 -15.23 27.62 23.38
CA ALA A 45 -15.40 28.16 22.03
C ALA A 45 -14.04 28.26 21.35
N HIS A 46 -13.07 28.77 22.09
CA HIS A 46 -11.65 28.71 21.66
C HIS A 46 -11.24 27.32 21.20
N SER A 47 -11.57 26.33 22.01
CA SER A 47 -11.17 24.97 21.71
C SER A 47 -11.88 24.40 20.51
N ASN A 48 -13.17 24.70 20.39
CA ASN A 48 -13.94 24.19 19.27
C ASN A 48 -13.60 24.92 18.00
N LEU A 49 -13.45 26.24 18.08
CA LEU A 49 -12.96 26.96 16.92
C LEU A 49 -11.60 26.34 16.55
N ALA A 50 -10.71 26.16 17.52
CA ALA A 50 -9.37 25.68 17.17
C ALA A 50 -9.49 24.40 16.37
N SER A 51 -10.34 23.55 16.88
CA SER A 51 -10.55 22.25 16.34
C SER A 51 -11.11 22.25 14.89
N VAL A 52 -11.89 23.26 14.52
CA VAL A 52 -12.41 23.27 13.16
C VAL A 52 -11.40 23.93 12.20
N LEU A 53 -10.74 25.01 12.64
CA LEU A 53 -9.56 25.51 11.95
C LEU A 53 -8.55 24.38 11.67
N GLN A 54 -8.36 23.47 12.63
CA GLN A 54 -7.51 22.29 12.40
C GLN A 54 -8.01 21.42 11.22
N GLN A 55 -9.32 21.18 11.16
CA GLN A 55 -9.93 20.50 10.01
C GLN A 55 -9.57 21.25 8.69
N GLN A 56 -9.67 22.58 8.73
CA GLN A 56 -9.37 23.42 7.56
C GLN A 56 -7.89 23.52 7.18
N GLY A 57 -6.98 22.95 7.99
CA GLY A 57 -5.52 23.08 7.73
C GLY A 57 -4.86 24.33 8.30
N LYS A 58 -5.57 25.11 9.09
CA LYS A 58 -5.00 26.29 9.73
C LYS A 58 -4.41 25.92 11.09
N LEU A 59 -3.35 25.12 11.03
CA LEU A 59 -2.72 24.51 12.21
C LEU A 59 -2.19 25.51 13.26
N GLN A 60 -1.54 26.58 12.80
CA GLN A 60 -1.00 27.63 13.69
C GLN A 60 -2.08 28.41 14.41
N GLU A 61 -3.09 28.86 13.65
CA GLU A 61 -4.18 29.62 14.21
C GLU A 61 -4.92 28.76 15.22
N ALA A 62 -5.09 27.49 14.83
CA ALA A 62 -5.65 26.51 15.72
C ALA A 62 -4.92 26.47 17.06
N LEU A 63 -3.61 26.18 17.04
CA LEU A 63 -2.79 26.11 18.25
C LEU A 63 -2.98 27.33 19.14
N MET A 64 -2.96 28.51 18.51
CA MET A 64 -3.16 29.75 19.27
C MET A 64 -4.48 29.72 20.08
N HIS A 65 -5.56 29.19 19.50
CA HIS A 65 -6.84 29.16 20.20
C HIS A 65 -6.88 28.04 21.23
N TYR A 66 -6.23 26.93 20.95
CA TYR A 66 -6.14 25.90 21.97
C TYR A 66 -5.43 26.47 23.18
N LYS A 67 -4.38 27.24 22.99
CA LYS A 67 -3.66 27.78 24.17
C LYS A 67 -4.47 28.85 24.94
N GLU A 68 -5.29 29.63 24.22
CA GLU A 68 -6.23 30.55 24.87
C GLU A 68 -7.12 29.77 25.78
N ALA A 69 -7.65 28.68 25.24
CA ALA A 69 -8.58 27.84 25.98
C ALA A 69 -7.94 27.43 27.27
N ILE A 70 -6.73 26.87 27.16
CA ILE A 70 -5.99 26.36 28.33
C ILE A 70 -5.63 27.53 29.27
N ARG A 71 -5.22 28.67 28.74
CA ARG A 71 -4.92 29.80 29.62
C ARG A 71 -6.14 30.15 30.45
N ILE A 72 -7.29 30.34 29.79
CA ILE A 72 -8.58 30.58 30.48
C ILE A 72 -8.91 29.49 31.49
N SER A 73 -8.75 28.22 31.10
CA SER A 73 -9.06 27.10 32.00
C SER A 73 -7.92 26.04 32.08
N PRO A 74 -6.96 26.23 32.97
CA PRO A 74 -5.76 25.34 32.94
C PRO A 74 -6.05 23.85 32.97
N THR A 75 -7.19 23.44 33.52
CA THR A 75 -7.59 22.02 33.58
C THR A 75 -8.48 21.52 32.42
N PHE A 76 -8.54 22.24 31.31
CA PHE A 76 -9.42 21.86 30.20
C PHE A 76 -8.86 20.68 29.38
N ALA A 77 -9.10 19.45 29.82
CA ALA A 77 -8.43 18.25 29.21
C ALA A 77 -8.69 18.11 27.71
N ASP A 78 -9.91 18.44 27.28
CA ASP A 78 -10.28 18.49 25.88
C ASP A 78 -9.32 19.22 25.02
N ALA A 79 -9.02 20.45 25.43
CA ALA A 79 -8.17 21.32 24.63
C ALA A 79 -6.82 20.66 24.47
N TYR A 80 -6.29 20.05 25.55
CA TYR A 80 -4.99 19.39 25.47
C TYR A 80 -5.09 18.23 24.48
N SER A 81 -6.14 17.43 24.56
CA SER A 81 -6.26 16.27 23.67
C SER A 81 -6.38 16.69 22.22
N ASN A 82 -7.28 17.63 21.92
CA ASN A 82 -7.31 18.17 20.56
C ASN A 82 -6.04 18.88 20.13
N MET A 83 -5.39 19.62 21.02
CA MET A 83 -4.08 20.19 20.66
C MET A 83 -3.07 19.09 20.28
N GLY A 84 -3.13 17.96 20.94
CA GLY A 84 -2.22 16.88 20.62
C GLY A 84 -2.38 16.40 19.18
N ASN A 85 -3.61 16.41 18.68
CA ASN A 85 -3.89 15.92 17.33
C ASN A 85 -3.40 16.91 16.34
N THR A 86 -3.49 18.19 16.71
CA THR A 86 -2.98 19.21 15.88
C THR A 86 -1.46 19.08 15.82
N LEU A 87 -0.80 18.96 16.96
CA LEU A 87 0.65 18.82 16.94
C LEU A 87 1.05 17.59 16.12
N LYS A 88 0.30 16.51 16.28
CA LYS A 88 0.56 15.30 15.52
C LYS A 88 0.48 15.58 14.03
N GLU A 89 -0.55 16.30 13.58
CA GLU A 89 -0.72 16.69 12.17
C GLU A 89 0.51 17.48 11.66
N MET A 90 1.06 18.35 12.49
CA MET A 90 2.31 19.04 12.20
C MET A 90 3.57 18.18 12.41
N GLN A 91 3.44 16.86 12.58
CA GLN A 91 4.60 15.96 12.74
C GLN A 91 5.48 16.19 13.98
N ASP A 92 4.90 16.82 15.00
CA ASP A 92 5.57 17.10 16.27
C ASP A 92 5.08 16.07 17.29
N VAL A 93 5.66 14.88 17.21
CA VAL A 93 5.21 13.73 17.98
C VAL A 93 5.41 13.96 19.47
N GLN A 94 6.60 14.47 19.82
CA GLN A 94 6.97 14.90 21.17
C GLN A 94 5.95 15.88 21.83
N GLY A 95 5.50 16.85 21.04
CA GLY A 95 4.47 17.80 21.48
C GLY A 95 3.13 17.12 21.65
N ALA A 96 2.78 16.26 20.71
CA ALA A 96 1.53 15.50 20.79
C ALA A 96 1.48 14.59 22.03
N LEU A 97 2.57 13.90 22.32
CA LEU A 97 2.65 13.05 23.48
C LEU A 97 2.54 13.84 24.75
N GLN A 98 3.22 14.98 24.82
CA GLN A 98 3.06 15.87 25.98
C GLN A 98 1.60 16.25 26.14
N CYS A 99 0.93 16.67 25.08
CA CYS A 99 -0.49 17.03 25.23
C CYS A 99 -1.38 15.89 25.68
N TYR A 100 -1.25 14.72 25.05
CA TYR A 100 -2.12 13.60 25.37
C TYR A 100 -1.96 13.16 26.83
N THR A 101 -0.70 12.99 27.26
CA THR A 101 -0.39 12.55 28.60
C THR A 101 -0.81 13.60 29.65
N ARG A 102 -0.62 14.87 29.33
CA ARG A 102 -1.16 15.93 30.17
C ARG A 102 -2.70 15.83 30.29
N ALA A 103 -3.40 15.53 29.20
CA ALA A 103 -4.84 15.40 29.30
C ALA A 103 -5.22 14.23 30.20
N ILE A 104 -4.53 13.11 30.07
CA ILE A 104 -4.80 11.92 30.90
C ILE A 104 -4.44 12.14 32.38
N GLN A 105 -3.43 12.97 32.60
CA GLN A 105 -2.99 13.31 33.95
C GLN A 105 -4.09 14.16 34.62
N ILE A 106 -4.64 15.11 33.89
CA ILE A 106 -5.76 15.91 34.37
C ILE A 106 -6.99 15.06 34.68
N ASN A 107 -7.38 14.23 33.73
CA ASN A 107 -8.53 13.35 33.91
C ASN A 107 -8.26 11.91 33.41
N PRO A 108 -7.90 11.01 34.32
CA PRO A 108 -7.50 9.69 33.81
C PRO A 108 -8.62 8.89 33.21
N ALA A 109 -9.84 9.43 33.24
CA ALA A 109 -11.01 8.78 32.74
C ALA A 109 -11.46 9.43 31.44
N PHE A 110 -10.59 10.21 30.83
CA PHE A 110 -10.93 10.85 29.60
C PHE A 110 -10.66 9.90 28.42
N ALA A 111 -11.71 9.30 27.86
CA ALA A 111 -11.50 8.12 26.95
C ALA A 111 -10.90 8.51 25.59
N ASP A 112 -11.32 9.66 25.05
CA ASP A 112 -10.77 10.17 23.80
C ASP A 112 -9.27 10.35 23.90
N ALA A 113 -8.82 10.83 25.05
CA ALA A 113 -7.40 11.08 25.22
C ALA A 113 -6.63 9.79 25.19
N HIS A 114 -7.15 8.76 25.85
CA HIS A 114 -6.56 7.44 25.78
C HIS A 114 -6.52 6.89 24.34
N SER A 115 -7.60 7.08 23.60
CA SER A 115 -7.73 6.61 22.23
C SER A 115 -6.71 7.30 21.32
N ASN A 116 -6.56 8.62 21.46
CA ASN A 116 -5.54 9.38 20.72
C ASN A 116 -4.11 9.02 21.14
N LEU A 117 -3.86 8.84 22.42
CA LEU A 117 -2.54 8.35 22.83
C LEU A 117 -2.30 6.97 22.18
N ALA A 118 -3.33 6.14 22.08
CA ALA A 118 -3.16 4.81 21.48
C ALA A 118 -2.75 4.95 20.03
N SER A 119 -3.41 5.87 19.32
N SER A 119 -3.43 5.83 19.32
CA SER A 119 -3.19 6.08 17.89
CA SER A 119 -3.17 6.04 17.93
C SER A 119 -1.75 6.49 17.58
C SER A 119 -1.68 6.33 17.71
N ILE A 120 -1.14 7.29 18.44
CA ILE A 120 0.23 7.71 18.20
C ILE A 120 1.21 6.60 18.53
N HIS A 121 0.87 5.78 19.49
CA HIS A 121 1.63 4.55 19.74
C HIS A 121 1.67 3.54 18.57
N LYS A 122 0.52 3.33 17.95
CA LYS A 122 0.39 2.52 16.76
C LYS A 122 1.28 3.08 15.64
N ASP A 123 1.06 4.37 15.31
CA ASP A 123 1.83 5.06 14.29
C ASP A 123 3.33 4.98 14.53
N SER A 124 3.76 4.98 15.80
CA SER A 124 5.17 4.80 16.16
C SER A 124 5.61 3.34 16.07
N GLY A 125 4.71 2.41 15.76
CA GLY A 125 5.07 0.98 15.74
C GLY A 125 5.31 0.41 17.14
N ASN A 126 4.48 0.86 18.10
CA ASN A 126 4.41 0.26 19.42
C ASN A 126 2.99 -0.31 19.63
N ILE A 127 2.75 -1.46 19.01
CA ILE A 127 1.42 -2.05 18.98
C ILE A 127 0.95 -2.53 20.33
N PRO A 128 1.82 -3.19 21.12
CA PRO A 128 1.32 -3.61 22.43
C PRO A 128 0.82 -2.44 23.29
N GLU A 129 1.51 -1.31 23.25
CA GLU A 129 1.06 -0.18 24.03
C GLU A 129 -0.21 0.49 23.41
N ALA A 130 -0.34 0.41 22.10
CA ALA A 130 -1.50 0.99 21.48
C ALA A 130 -2.73 0.19 21.86
N ILE A 131 -2.61 -1.13 21.80
CA ILE A 131 -3.68 -2.03 22.19
C ILE A 131 -4.06 -1.72 23.64
N ALA A 132 -3.07 -1.64 24.52
CA ALA A 132 -3.38 -1.39 25.93
C ALA A 132 -4.15 -0.08 26.14
N SER A 133 -3.77 0.98 25.44
CA SER A 133 -4.43 2.28 25.59
C SER A 133 -5.84 2.33 24.91
N TYR A 134 -6.05 1.55 23.85
CA TYR A 134 -7.37 1.44 23.26
C TYR A 134 -8.26 0.68 24.23
N ARG A 135 -7.69 -0.28 24.95
CA ARG A 135 -8.46 -1.10 25.90
C ARG A 135 -8.92 -0.23 27.07
N THR A 136 -8.00 0.60 27.57
CA THR A 136 -8.38 1.61 28.54
C THR A 136 -9.49 2.51 27.99
N ALA A 137 -9.37 2.98 26.77
CA ALA A 137 -10.44 3.82 26.20
C ALA A 137 -11.78 3.14 26.28
N LEU A 138 -11.81 1.87 25.84
CA LEU A 138 -13.04 1.08 25.75
C LEU A 138 -13.61 0.71 27.12
N LYS A 139 -12.71 0.40 28.03
CA LYS A 139 -13.07 0.20 29.42
C LYS A 139 -13.81 1.42 29.97
N LEU A 140 -13.37 2.63 29.62
CA LEU A 140 -13.98 3.85 30.14
C LEU A 140 -15.27 4.23 29.41
N LYS A 141 -15.34 3.89 28.12
CA LYS A 141 -16.46 4.23 27.28
C LYS A 141 -16.73 3.05 26.35
N PRO A 142 -17.53 2.10 26.82
CA PRO A 142 -17.69 0.88 26.02
C PRO A 142 -18.27 1.12 24.64
N ASP A 143 -19.09 2.14 24.50
CA ASP A 143 -19.62 2.48 23.19
C ASP A 143 -18.72 3.56 22.57
N PHE A 144 -17.64 3.09 21.92
CA PHE A 144 -16.61 3.96 21.34
C PHE A 144 -16.11 3.36 20.01
N PRO A 145 -16.87 3.58 18.93
CA PRO A 145 -16.55 3.03 17.60
C PRO A 145 -15.11 3.28 17.13
N ASP A 146 -14.69 4.53 17.05
CA ASP A 146 -13.31 4.83 16.66
C ASP A 146 -12.28 3.96 17.39
N ALA A 147 -12.37 3.90 18.71
CA ALA A 147 -11.39 3.13 19.45
C ALA A 147 -11.53 1.60 19.22
N TYR A 148 -12.75 1.11 19.05
CA TYR A 148 -12.96 -0.32 18.83
C TYR A 148 -12.35 -0.71 17.49
N CYS A 149 -12.78 -0.06 16.42
CA CYS A 149 -12.34 -0.40 15.10
C CYS A 149 -10.83 -0.23 14.97
N ASN A 150 -10.28 0.82 15.57
CA ASN A 150 -8.84 0.99 15.59
C ASN A 150 -8.11 -0.11 16.38
N LEU A 151 -8.74 -0.59 17.44
CA LEU A 151 -8.18 -1.73 18.18
C LEU A 151 -8.21 -2.94 17.26
N ALA A 152 -9.31 -3.11 16.55
CA ALA A 152 -9.48 -4.26 15.70
C ALA A 152 -8.38 -4.29 14.65
N HIS A 153 -7.94 -3.11 14.18
CA HIS A 153 -6.89 -3.06 13.18
C HIS A 153 -5.50 -3.37 13.80
N CYS A 154 -5.28 -2.92 15.02
CA CYS A 154 -4.04 -3.27 15.69
C CYS A 154 -3.95 -4.79 15.81
N LEU A 155 -5.08 -5.42 16.13
CA LEU A 155 -5.06 -6.85 16.46
C LEU A 155 -4.79 -7.61 15.16
N GLN A 156 -5.46 -7.17 14.11
CA GLN A 156 -5.23 -7.64 12.78
C GLN A 156 -3.75 -7.60 12.39
N ILE A 157 -3.11 -6.52 12.74
CA ILE A 157 -1.74 -6.27 12.38
C ILE A 157 -0.81 -7.27 13.03
N VAL A 158 -1.09 -7.71 14.25
CA VAL A 158 -0.22 -8.66 14.93
C VAL A 158 -0.80 -10.09 14.86
N CYS A 159 -1.88 -10.24 14.09
CA CYS A 159 -2.58 -11.51 13.95
C CYS A 159 -3.07 -12.07 15.26
N ASP A 160 -3.64 -11.19 16.08
CA ASP A 160 -4.39 -11.59 17.26
C ASP A 160 -5.83 -11.81 16.83
N TRP A 161 -6.27 -13.05 17.00
CA TRP A 161 -7.59 -13.52 16.56
C TRP A 161 -8.41 -14.09 17.73
N THR A 162 -8.09 -13.69 18.95
CA THR A 162 -8.95 -13.93 20.07
C THR A 162 -10.33 -13.36 19.75
N ASP A 163 -11.36 -14.20 19.80
CA ASP A 163 -12.77 -13.81 19.59
C ASP A 163 -12.96 -13.22 18.21
N TYR A 164 -12.24 -13.77 17.24
CA TYR A 164 -12.21 -13.25 15.91
C TYR A 164 -13.61 -13.05 15.31
N ASP A 165 -14.44 -14.09 15.29
CA ASP A 165 -15.75 -14.01 14.57
C ASP A 165 -16.69 -13.00 15.21
N GLU A 166 -16.63 -12.92 16.53
CA GLU A 166 -17.42 -11.97 17.30
C GLU A 166 -16.98 -10.53 16.98
N ARG A 167 -15.66 -10.33 16.92
CA ARG A 167 -15.08 -9.05 16.54
C ARG A 167 -15.50 -8.58 15.15
N MET A 168 -15.45 -9.51 14.18
CA MET A 168 -15.87 -9.19 12.83
C MET A 168 -17.33 -8.77 12.84
N LYS A 169 -18.15 -9.52 13.58
CA LYS A 169 -19.59 -9.27 13.64
C LYS A 169 -19.84 -7.91 14.22
N LYS A 170 -19.05 -7.56 15.22
CA LYS A 170 -19.21 -6.26 15.86
C LYS A 170 -18.72 -5.09 14.97
N LEU A 171 -17.67 -5.30 14.16
CA LEU A 171 -17.22 -4.22 13.25
C LEU A 171 -18.30 -3.93 12.24
N VAL A 172 -18.91 -4.97 11.71
CA VAL A 172 -19.98 -4.83 10.75
C VAL A 172 -21.14 -4.07 11.38
N SER A 173 -21.48 -4.43 12.60
CA SER A 173 -22.63 -3.84 13.26
C SER A 173 -22.41 -2.38 13.55
N ILE A 174 -21.17 -2.06 13.95
CA ILE A 174 -20.77 -0.67 14.24
C ILE A 174 -20.89 0.18 12.98
N VAL A 175 -20.52 -0.41 11.85
CA VAL A 175 -20.52 0.29 10.58
C VAL A 175 -21.95 0.44 10.08
N ALA A 176 -22.72 -0.64 10.20
CA ALA A 176 -24.16 -0.58 9.87
C ALA A 176 -24.79 0.65 10.52
N ASP A 177 -24.63 0.74 11.84
CA ASP A 177 -25.20 1.79 12.65
C ASP A 177 -24.74 3.18 12.22
N GLN A 178 -23.43 3.34 12.04
CA GLN A 178 -22.86 4.63 11.62
C GLN A 178 -23.34 5.08 10.26
N LEU A 179 -23.56 4.15 9.34
CA LEU A 179 -24.05 4.49 8.00
C LEU A 179 -25.52 4.87 7.98
N GLU A 180 -26.31 4.27 8.88
CA GLU A 180 -27.70 4.65 9.09
C GLU A 180 -27.79 6.10 9.59
N LYS A 181 -26.85 6.51 10.43
CA LYS A 181 -26.81 7.89 10.96
C LYS A 181 -25.97 8.85 10.11
N ASN A 182 -25.57 8.44 8.91
CA ASN A 182 -24.76 9.29 8.03
C ASN A 182 -23.52 9.89 8.70
N ARG A 183 -23.01 9.25 9.75
CA ARG A 183 -21.76 9.68 10.37
C ARG A 183 -20.59 8.97 9.69
N LEU A 184 -19.39 9.50 9.91
CA LEU A 184 -18.17 9.00 9.29
C LEU A 184 -17.85 7.66 9.93
N PRO A 185 -17.81 6.59 9.13
CA PRO A 185 -17.54 5.29 9.73
C PRO A 185 -16.16 5.20 10.36
N SER A 186 -16.05 4.35 11.38
CA SER A 186 -14.81 4.23 12.13
C SER A 186 -13.85 3.25 11.50
N VAL A 187 -14.36 2.40 10.60
CA VAL A 187 -13.51 1.54 9.76
C VAL A 187 -12.98 2.39 8.60
N HIS A 188 -11.67 2.47 8.46
CA HIS A 188 -11.07 3.25 7.38
C HIS A 188 -11.31 2.52 6.04
N PRO A 189 -11.56 3.28 4.95
CA PRO A 189 -11.90 2.60 3.70
C PRO A 189 -10.86 1.60 3.20
N HIS A 190 -9.60 1.90 3.47
CA HIS A 190 -8.48 1.06 3.08
C HIS A 190 -8.44 -0.24 3.82
N HIS A 191 -8.98 -0.25 5.03
CA HIS A 191 -9.00 -1.46 5.84
C HIS A 191 -10.22 -2.32 5.60
N SER A 192 -11.19 -1.76 4.89
CA SER A 192 -12.51 -2.33 4.83
C SER A 192 -12.55 -3.63 4.04
N MET A 193 -11.56 -3.88 3.19
CA MET A 193 -11.52 -5.19 2.55
C MET A 193 -11.18 -6.29 3.52
N LEU A 194 -10.74 -5.96 4.74
CA LEU A 194 -10.29 -7.03 5.63
C LEU A 194 -11.41 -7.68 6.44
N TYR A 195 -12.61 -7.17 6.31
CA TYR A 195 -13.68 -7.54 7.21
C TYR A 195 -14.89 -7.94 6.40
N PRO A 196 -15.76 -8.79 6.97
CA PRO A 196 -16.83 -9.31 6.14
C PRO A 196 -17.98 -8.31 5.90
N LEU A 197 -17.63 -7.07 5.56
CA LEU A 197 -18.61 -6.09 5.15
C LEU A 197 -19.10 -6.43 3.75
N SER A 198 -20.35 -6.06 3.45
CA SER A 198 -20.87 -6.18 2.09
C SER A 198 -20.22 -5.14 1.19
N HIS A 199 -20.26 -5.39 -0.11
CA HIS A 199 -19.74 -4.42 -1.08
C HIS A 199 -20.46 -3.06 -0.97
N GLY A 200 -21.76 -3.06 -0.62
CA GLY A 200 -22.50 -1.84 -0.39
C GLY A 200 -21.93 -1.08 0.80
N PHE A 201 -21.58 -1.80 1.85
CA PHE A 201 -20.97 -1.16 3.02
C PHE A 201 -19.62 -0.60 2.65
N ARG A 202 -18.83 -1.34 1.90
CA ARG A 202 -17.49 -0.88 1.50
C ARG A 202 -17.60 0.36 0.62
N LYS A 203 -18.53 0.34 -0.33
CA LYS A 203 -18.74 1.47 -1.23
C LYS A 203 -19.18 2.69 -0.43
N ALA A 204 -20.03 2.49 0.55
CA ALA A 204 -20.56 3.60 1.36
C ALA A 204 -19.51 4.16 2.30
N ILE A 205 -18.70 3.28 2.88
CA ILE A 205 -17.58 3.74 3.70
C ILE A 205 -16.76 4.76 2.89
N ALA A 206 -16.34 4.34 1.71
CA ALA A 206 -15.57 5.20 0.83
C ALA A 206 -16.33 6.47 0.51
N GLU A 207 -17.61 6.34 0.12
CA GLU A 207 -18.39 7.52 -0.28
C GLU A 207 -18.33 8.53 0.84
N ARG A 208 -18.51 8.07 2.07
CA ARG A 208 -18.48 8.99 3.20
C ARG A 208 -17.14 9.72 3.37
N HIS A 209 -16.00 9.09 3.06
CA HIS A 209 -14.70 9.79 3.19
C HIS A 209 -14.50 10.75 2.03
N GLY A 210 -15.06 10.38 0.88
CA GLY A 210 -15.13 11.31 -0.24
C GLY A 210 -15.93 12.55 0.12
N ASN A 211 -17.06 12.36 0.80
CA ASN A 211 -17.88 13.50 1.20
C ASN A 211 -17.12 14.48 2.10
N LEU A 212 -16.32 13.98 3.04
CA LEU A 212 -15.42 14.85 3.81
C LEU A 212 -14.71 15.85 2.93
N CYS A 213 -14.19 15.37 1.80
CA CYS A 213 -13.40 16.23 0.91
C CYS A 213 -14.30 17.29 0.30
N LEU A 214 -15.46 16.89 -0.22
CA LEU A 214 -16.47 17.86 -0.70
C LEU A 214 -16.82 18.93 0.36
N ASP A 215 -16.98 18.53 1.60
CA ASP A 215 -17.32 19.50 2.64
C ASP A 215 -16.20 20.50 2.82
N LYS A 216 -14.96 20.04 2.75
CA LYS A 216 -13.82 20.91 3.03
C LYS A 216 -13.56 21.94 1.94
N ILE A 217 -13.84 21.58 0.69
CA ILE A 217 -13.68 22.49 -0.43
C ILE A 217 -14.82 23.47 -0.60
N ASN A 218 -16.02 23.16 -0.09
CA ASN A 218 -17.16 24.08 -0.23
C ASN A 218 -16.94 25.44 0.46
N VAL A 219 -16.11 25.51 1.50
CA VAL A 219 -15.72 26.81 2.11
C VAL A 219 -15.07 27.80 1.12
N LEU A 220 -14.43 27.24 0.08
CA LEU A 220 -13.70 28.04 -0.90
C LEU A 220 -14.63 28.63 -1.96
N HIS A 221 -15.80 28.04 -2.16
CA HIS A 221 -16.82 28.61 -3.06
C HIS A 221 -16.33 28.71 -4.48
N LYS A 222 -15.74 27.64 -5.00
CA LYS A 222 -15.23 27.68 -6.36
C LYS A 222 -16.35 27.33 -7.34
N PRO A 223 -16.50 28.14 -8.38
CA PRO A 223 -17.48 27.78 -9.40
C PRO A 223 -16.95 26.55 -10.13
N PRO A 224 -17.80 25.85 -10.90
CA PRO A 224 -17.18 24.79 -11.70
C PRO A 224 -16.06 25.37 -12.58
N TYR A 225 -14.99 24.60 -12.74
CA TYR A 225 -13.96 24.89 -13.73
C TYR A 225 -14.53 24.60 -15.13
N GLU A 226 -14.06 25.33 -16.15
CA GLU A 226 -14.47 25.04 -17.54
C GLU A 226 -13.42 24.19 -18.23
N HIS A 227 -13.87 23.08 -18.81
CA HIS A 227 -12.99 22.03 -19.30
C HIS A 227 -12.90 21.96 -20.82
N PRO A 228 -11.69 21.77 -21.37
CA PRO A 228 -11.47 21.52 -22.80
C PRO A 228 -12.40 20.46 -23.43
N LYS A 229 -12.86 20.72 -24.66
CA LYS A 229 -13.70 19.78 -25.43
C LYS A 229 -12.93 19.21 -26.62
N ASP A 230 -11.71 19.69 -26.82
CA ASP A 230 -10.87 19.24 -27.92
C ASP A 230 -9.40 19.39 -27.51
N LEU A 231 -8.51 18.90 -28.38
CA LEU A 231 -7.09 18.91 -28.10
C LEU A 231 -6.38 20.11 -28.74
N LYS A 232 -7.15 21.10 -29.17
CA LYS A 232 -6.62 22.24 -29.94
C LYS A 232 -5.52 23.03 -29.21
N LEU A 233 -5.74 23.40 -27.95
CA LEU A 233 -4.74 24.24 -27.24
C LEU A 233 -3.46 23.46 -26.92
N SER A 234 -3.57 22.14 -26.88
CA SER A 234 -2.45 21.24 -26.57
C SER A 234 -1.74 20.66 -27.81
N ASP A 235 -1.93 21.27 -28.99
CA ASP A 235 -1.35 20.79 -30.25
C ASP A 235 -1.65 19.32 -30.58
N GLY A 236 -2.82 18.85 -30.22
CA GLY A 236 -3.26 17.48 -30.54
C GLY A 236 -2.88 16.42 -29.53
N ARG A 237 -2.40 16.87 -28.37
CA ARG A 237 -1.93 15.97 -27.31
C ARG A 237 -2.88 15.89 -26.13
N LEU A 238 -3.10 14.67 -25.64
CA LEU A 238 -3.86 14.48 -24.41
C LEU A 238 -2.93 14.83 -23.25
N ARG A 239 -3.33 15.82 -22.47
CA ARG A 239 -2.63 16.21 -21.26
C ARG A 239 -3.10 15.38 -20.07
N VAL A 240 -2.17 14.63 -19.50
CA VAL A 240 -2.47 13.69 -18.43
C VAL A 240 -1.69 14.10 -17.20
N GLY A 241 -2.43 14.21 -16.10
CA GLY A 241 -1.90 14.59 -14.81
C GLY A 241 -1.93 13.41 -13.86
N TYR A 242 -0.74 12.96 -13.45
CA TYR A 242 -0.57 11.90 -12.46
C TYR A 242 -0.38 12.56 -11.09
N VAL A 243 -1.35 12.39 -10.21
CA VAL A 243 -1.28 12.99 -8.89
C VAL A 243 -0.91 11.91 -7.87
N SER A 244 0.19 12.13 -7.16
CA SER A 244 0.58 11.14 -6.17
C SER A 244 1.42 11.72 -5.06
N SER A 245 1.26 11.21 -3.85
CA SER A 245 2.18 11.61 -2.80
C SER A 245 3.40 10.69 -2.72
N ASP A 246 3.53 9.79 -3.69
CA ASP A 246 4.40 8.62 -3.59
C ASP A 246 5.47 8.58 -4.70
N PHE A 247 5.83 9.77 -5.20
CA PHE A 247 6.93 9.96 -6.13
C PHE A 247 8.18 10.11 -5.27
N GLY A 248 8.74 8.96 -4.95
CA GLY A 248 9.85 8.88 -4.03
C GLY A 248 9.98 7.43 -3.69
N ASN A 249 10.70 7.13 -2.61
CA ASN A 249 10.93 5.74 -2.25
C ASN A 249 9.66 5.18 -1.64
N HIS A 250 8.78 4.70 -2.51
CA HIS A 250 7.46 4.16 -2.13
C HIS A 250 7.10 3.10 -3.18
N PRO A 251 6.36 2.06 -2.79
CA PRO A 251 5.92 1.03 -3.73
C PRO A 251 5.37 1.57 -5.06
N THR A 252 4.65 2.69 -5.00
CA THR A 252 4.05 3.26 -6.19
C THR A 252 5.11 3.57 -7.23
N SER A 253 6.10 4.35 -6.85
CA SER A 253 7.23 4.58 -7.75
C SER A 253 7.91 3.27 -8.17
N HIS A 254 8.02 2.29 -7.27
CA HIS A 254 8.58 0.97 -7.67
C HIS A 254 7.72 0.27 -8.71
N LEU A 255 6.43 0.53 -8.71
CA LEU A 255 5.60 0.03 -9.80
C LEU A 255 5.71 0.82 -11.10
N MET A 256 5.64 2.15 -11.04
CA MET A 256 5.27 2.93 -12.24
C MET A 256 6.25 4.01 -12.64
N GLN A 257 7.47 3.97 -12.11
CA GLN A 257 8.40 5.06 -12.33
C GLN A 257 8.84 5.21 -13.80
N SER A 258 8.72 4.15 -14.60
CA SER A 258 9.12 4.24 -16.00
C SER A 258 7.96 4.72 -16.90
N ILE A 259 6.73 4.71 -16.38
CA ILE A 259 5.52 5.04 -17.22
C ILE A 259 5.60 6.48 -17.75
N PRO A 260 5.77 7.48 -16.88
CA PRO A 260 5.83 8.84 -17.43
C PRO A 260 6.72 9.03 -18.64
N GLY A 261 7.99 8.65 -18.56
CA GLY A 261 8.89 8.83 -19.67
C GLY A 261 8.72 7.86 -20.84
N MET A 262 7.94 6.82 -20.66
CA MET A 262 7.59 5.98 -21.79
C MET A 262 6.38 6.50 -22.56
N HIS A 263 5.73 7.54 -22.06
CA HIS A 263 4.55 8.04 -22.78
C HIS A 263 4.97 8.57 -24.14
N ASN A 264 4.05 8.54 -25.09
CA ASN A 264 4.33 8.97 -26.46
C ASN A 264 4.12 10.46 -26.59
N PRO A 265 5.22 11.22 -26.66
CA PRO A 265 5.09 12.68 -26.67
C PRO A 265 4.45 13.30 -27.91
N ASP A 266 4.32 12.55 -29.01
CA ASP A 266 3.55 13.02 -30.14
C ASP A 266 2.08 13.18 -29.78
N LYS A 267 1.54 12.24 -28.97
CA LYS A 267 0.12 12.21 -28.68
C LYS A 267 -0.24 12.45 -27.21
N PHE A 268 0.76 12.46 -26.32
CA PHE A 268 0.52 12.71 -24.92
C PHE A 268 1.49 13.71 -24.33
N GLU A 269 1.01 14.46 -23.35
CA GLU A 269 1.85 15.38 -22.61
C GLU A 269 1.55 15.09 -21.15
N VAL A 270 2.61 14.75 -20.43
CA VAL A 270 2.51 14.21 -19.08
C VAL A 270 2.91 15.21 -18.03
N PHE A 271 2.06 15.36 -17.02
CA PHE A 271 2.30 16.27 -15.91
C PHE A 271 2.26 15.43 -14.63
N CYS A 272 3.34 15.48 -13.85
CA CYS A 272 3.30 14.83 -12.55
C CYS A 272 3.10 15.85 -11.40
N TYR A 273 2.01 15.66 -10.67
CA TYR A 273 1.70 16.47 -9.51
C TYR A 273 2.09 15.74 -8.24
N ALA A 274 3.20 16.10 -7.67
CA ALA A 274 3.66 15.47 -6.48
C ALA A 274 2.96 16.12 -5.30
N LEU A 275 2.44 15.31 -4.39
CA LEU A 275 1.86 15.83 -3.16
C LEU A 275 2.84 15.76 -2.00
N SER A 276 4.02 15.19 -2.23
CA SER A 276 5.03 15.12 -1.17
C SER A 276 6.27 15.87 -1.58
N PRO A 277 7.07 16.26 -0.61
CA PRO A 277 8.31 16.93 -1.02
C PRO A 277 9.35 15.91 -1.47
N ASP A 278 10.40 16.39 -2.13
CA ASP A 278 11.49 15.58 -2.64
C ASP A 278 12.20 14.85 -1.48
N ASP A 279 12.23 13.51 -1.52
CA ASP A 279 12.88 12.75 -0.48
C ASP A 279 14.37 12.49 -0.77
N GLY A 280 14.90 13.06 -1.82
CA GLY A 280 16.28 12.83 -2.23
C GLY A 280 16.56 11.52 -2.97
N THR A 281 15.54 10.73 -3.32
CA THR A 281 15.80 9.40 -3.95
C THR A 281 15.77 9.39 -5.46
N ASN A 282 16.54 8.48 -6.06
CA ASN A 282 16.49 8.33 -7.52
C ASN A 282 15.08 8.13 -8.07
N PHE A 283 14.13 7.69 -7.27
CA PHE A 283 12.79 7.49 -7.80
C PHE A 283 12.18 8.82 -8.17
N ARG A 284 12.31 9.76 -7.26
CA ARG A 284 11.92 11.14 -7.47
C ARG A 284 12.73 11.73 -8.56
N VAL A 285 14.07 11.59 -8.52
CA VAL A 285 14.90 12.14 -9.60
C VAL A 285 14.39 11.69 -10.97
N LYS A 286 14.01 10.41 -11.12
CA LYS A 286 13.66 9.86 -12.44
C LYS A 286 12.33 10.38 -12.95
N VAL A 287 11.34 10.49 -12.09
CA VAL A 287 10.05 11.00 -12.54
C VAL A 287 10.15 12.50 -12.80
N MET A 288 11.02 13.19 -12.09
CA MET A 288 11.14 14.63 -12.26
C MET A 288 11.81 14.85 -13.59
N ALA A 289 12.75 13.97 -13.91
CA ALA A 289 13.49 14.10 -15.16
C ALA A 289 12.68 13.70 -16.36
N GLU A 290 11.83 12.68 -16.23
CA GLU A 290 11.23 12.09 -17.44
C GLU A 290 9.79 12.53 -17.76
N ALA A 291 9.10 13.08 -16.78
CA ALA A 291 7.79 13.66 -17.04
C ALA A 291 8.02 14.95 -17.83
N ASN A 292 7.07 15.31 -18.68
CA ASN A 292 7.24 16.52 -19.47
C ASN A 292 7.21 17.71 -18.54
N HIS A 293 6.38 17.61 -17.52
CA HIS A 293 6.25 18.67 -16.52
C HIS A 293 6.13 18.03 -15.17
N PHE A 294 6.91 18.49 -14.22
CA PHE A 294 6.81 18.05 -12.85
C PHE A 294 6.45 19.23 -11.93
N ILE A 295 5.31 19.11 -11.25
CA ILE A 295 4.85 20.17 -10.35
C ILE A 295 4.76 19.67 -8.91
N ASP A 296 5.40 20.40 -8.02
CA ASP A 296 5.44 20.06 -6.61
C ASP A 296 4.30 20.75 -5.85
N LEU A 297 3.15 20.10 -5.77
CA LEU A 297 2.02 20.67 -5.03
C LEU A 297 2.22 20.63 -3.52
N SER A 298 3.29 20.02 -3.02
CA SER A 298 3.52 20.03 -1.57
C SER A 298 3.88 21.42 -1.10
N GLN A 299 4.34 22.25 -2.04
CA GLN A 299 4.66 23.67 -1.81
C GLN A 299 3.44 24.59 -1.90
N ILE A 300 2.27 24.01 -2.18
CA ILE A 300 1.03 24.74 -2.40
C ILE A 300 -0.05 24.17 -1.52
N PRO A 301 -0.04 24.51 -0.22
CA PRO A 301 -0.98 23.95 0.75
C PRO A 301 -2.44 24.22 0.44
N CYS A 302 -2.80 25.42 -0.01
CA CYS A 302 -4.21 25.67 -0.31
C CYS A 302 -4.62 24.83 -1.50
N ASN A 303 -5.69 24.05 -1.30
CA ASN A 303 -6.24 23.17 -2.33
C ASN A 303 -6.99 23.91 -3.41
N GLY A 304 -7.44 25.12 -3.09
CA GLY A 304 -8.05 25.95 -4.11
C GLY A 304 -7.01 26.32 -5.16
N LYS A 305 -5.92 26.88 -4.68
CA LYS A 305 -4.84 27.39 -5.49
C LYS A 305 -4.14 26.23 -6.20
N ALA A 306 -4.05 25.09 -5.53
CA ALA A 306 -3.44 23.91 -6.14
C ALA A 306 -4.31 23.30 -7.24
N ALA A 307 -5.63 23.33 -7.07
CA ALA A 307 -6.51 22.88 -8.15
C ALA A 307 -6.47 23.84 -9.29
N ASP A 308 -6.34 25.12 -8.97
CA ASP A 308 -6.24 26.17 -10.00
C ASP A 308 -5.13 25.86 -10.99
N ARG A 309 -3.94 25.64 -10.43
CA ARG A 309 -2.81 25.22 -11.22
C ARG A 309 -3.13 24.03 -12.13
N ILE A 310 -3.62 22.93 -11.56
CA ILE A 310 -3.98 21.81 -12.41
C ILE A 310 -4.87 22.26 -13.57
N HIS A 311 -5.82 23.19 -13.32
CA HIS A 311 -6.78 23.59 -14.39
C HIS A 311 -6.10 24.37 -15.50
N GLN A 312 -5.17 25.24 -15.10
CA GLN A 312 -4.40 26.08 -16.03
C GLN A 312 -3.19 25.36 -16.68
N ASP A 313 -2.92 24.11 -16.27
CA ASP A 313 -2.02 23.28 -17.04
C ASP A 313 -2.79 22.64 -18.19
N GLY A 314 -4.12 22.63 -18.06
CA GLY A 314 -5.01 22.17 -19.14
C GLY A 314 -5.35 20.68 -19.12
N ILE A 315 -5.17 20.04 -17.96
CA ILE A 315 -5.29 18.57 -17.89
C ILE A 315 -6.63 18.09 -18.46
N HIS A 316 -6.58 17.03 -19.28
CA HIS A 316 -7.79 16.33 -19.73
C HIS A 316 -8.14 15.19 -18.77
N ILE A 317 -7.21 14.27 -18.56
CA ILE A 317 -7.39 13.17 -17.61
C ILE A 317 -6.52 13.41 -16.39
N LEU A 318 -7.17 13.51 -15.23
CA LEU A 318 -6.47 13.65 -13.96
C LEU A 318 -6.52 12.31 -13.24
N VAL A 319 -5.35 11.80 -12.87
CA VAL A 319 -5.21 10.48 -12.33
C VAL A 319 -4.89 10.46 -10.84
N ASN A 320 -5.76 9.76 -10.09
CA ASN A 320 -5.67 9.64 -8.64
C ASN A 320 -4.98 8.37 -8.22
N MET A 321 -3.76 8.53 -7.75
CA MET A 321 -2.89 7.43 -7.43
C MET A 321 -2.83 7.16 -5.96
N ASN A 322 -3.56 7.94 -5.17
CA ASN A 322 -3.59 7.74 -3.72
C ASN A 322 -4.88 7.08 -3.19
N GLY A 323 -6.04 7.43 -3.72
CA GLY A 323 -7.30 7.07 -3.06
C GLY A 323 -7.24 7.46 -1.59
N TYR A 324 -7.67 6.57 -0.70
CA TYR A 324 -7.59 6.88 0.74
C TYR A 324 -6.31 6.30 1.36
N THR A 325 -5.17 6.89 1.00
CA THR A 325 -3.90 6.54 1.62
C THR A 325 -3.26 7.79 2.22
N LYS A 326 -2.22 7.58 3.03
CA LYS A 326 -1.48 8.67 3.62
C LYS A 326 -0.86 9.57 2.52
N GLY A 327 -1.12 10.86 2.62
CA GLY A 327 -0.64 11.84 1.66
C GLY A 327 -1.73 12.28 0.71
N ALA A 328 -2.86 11.57 0.66
CA ALA A 328 -3.91 11.92 -0.34
C ALA A 328 -4.27 13.36 -0.27
N ARG A 329 -4.55 13.98 -1.40
CA ARG A 329 -5.30 15.24 -1.34
C ARG A 329 -6.44 15.08 -2.29
N ASN A 330 -7.42 14.31 -1.88
CA ASN A 330 -8.55 14.12 -2.76
C ASN A 330 -9.43 15.37 -2.90
N GLU A 331 -9.22 16.34 -2.01
CA GLU A 331 -9.83 17.64 -2.15
C GLU A 331 -9.59 18.19 -3.55
N LEU A 332 -8.39 17.96 -4.07
CA LEU A 332 -8.01 18.36 -5.42
C LEU A 332 -8.99 17.79 -6.39
N PHE A 333 -9.26 16.50 -6.31
CA PHE A 333 -10.18 15.89 -7.25
C PHE A 333 -11.65 16.28 -7.04
N ALA A 334 -11.99 16.70 -5.82
CA ALA A 334 -13.38 17.04 -5.47
C ALA A 334 -13.78 18.32 -6.17
N LEU A 335 -12.77 19.20 -6.31
CA LEU A 335 -12.88 20.42 -7.11
C LEU A 335 -12.94 20.20 -8.62
N ARG A 336 -12.71 18.97 -9.09
CA ARG A 336 -12.84 18.64 -10.51
C ARG A 336 -12.13 19.61 -11.44
N PRO A 337 -10.80 19.77 -11.32
CA PRO A 337 -10.11 20.69 -12.25
C PRO A 337 -9.92 20.11 -13.66
N ALA A 338 -10.38 18.88 -13.88
CA ALA A 338 -10.19 18.19 -15.15
C ALA A 338 -11.49 17.54 -15.51
N PRO A 339 -11.77 17.36 -16.81
CA PRO A 339 -13.04 16.78 -17.22
C PRO A 339 -13.14 15.28 -17.05
N ILE A 340 -12.01 14.63 -16.89
CA ILE A 340 -11.98 13.20 -16.70
C ILE A 340 -11.01 12.95 -15.58
N GLN A 341 -11.44 12.13 -14.63
CA GLN A 341 -10.72 11.90 -13.39
C GLN A 341 -10.82 10.43 -13.13
N ALA A 342 -9.67 9.78 -13.00
CA ALA A 342 -9.62 8.32 -12.91
C ALA A 342 -8.68 7.86 -11.77
N MET A 343 -9.11 6.79 -11.12
CA MET A 343 -8.34 6.09 -10.09
C MET A 343 -7.43 5.12 -10.81
N TRP A 344 -6.17 5.06 -10.39
CA TRP A 344 -5.19 4.14 -10.96
C TRP A 344 -4.10 3.69 -9.99
N LEU A 345 -4.10 2.42 -9.63
CA LEU A 345 -2.92 1.70 -9.17
C LEU A 345 -2.61 1.76 -7.69
N GLY A 346 -2.53 2.96 -7.11
CA GLY A 346 -2.09 3.09 -5.74
C GLY A 346 -3.13 2.67 -4.72
N TYR A 347 -4.41 2.76 -5.09
CA TYR A 347 -5.46 2.45 -4.15
C TYR A 347 -6.29 1.27 -4.61
N PRO A 348 -6.23 0.15 -3.85
CA PRO A 348 -6.95 -1.05 -4.21
C PRO A 348 -8.38 -1.00 -3.67
N GLY A 349 -9.18 -0.09 -4.20
CA GLY A 349 -10.61 -0.02 -3.88
C GLY A 349 -11.33 1.04 -4.71
N THR A 350 -12.65 1.11 -4.57
CA THR A 350 -13.39 2.21 -5.13
C THR A 350 -13.21 3.42 -4.22
N SER A 351 -13.25 4.63 -4.79
CA SER A 351 -13.27 5.89 -4.01
C SER A 351 -14.63 6.16 -3.36
N GLY A 352 -15.68 5.53 -3.89
CA GLY A 352 -17.05 5.81 -3.51
C GLY A 352 -17.56 7.20 -3.87
N ALA A 353 -16.72 8.00 -4.50
CA ALA A 353 -16.96 9.42 -4.73
C ALA A 353 -17.46 9.66 -6.15
N LEU A 354 -18.43 10.56 -6.31
CA LEU A 354 -18.95 10.89 -7.63
C LEU A 354 -18.02 11.83 -8.42
N PHE A 355 -17.00 12.40 -7.77
CA PHE A 355 -15.98 13.18 -8.48
C PHE A 355 -14.93 12.34 -9.22
N MET A 356 -14.89 11.05 -8.98
CA MET A 356 -14.03 10.19 -9.77
C MET A 356 -14.89 9.49 -10.79
N ASP A 357 -14.52 9.62 -12.06
CA ASP A 357 -15.30 9.09 -13.18
C ASP A 357 -15.01 7.62 -13.47
N TYR A 358 -13.74 7.23 -13.34
CA TYR A 358 -13.32 5.87 -13.70
C TYR A 358 -12.34 5.27 -12.71
N ILE A 359 -12.36 3.95 -12.66
CA ILE A 359 -11.28 3.21 -12.06
C ILE A 359 -10.66 2.29 -13.11
N ILE A 360 -9.34 2.41 -13.24
CA ILE A 360 -8.57 1.67 -14.21
C ILE A 360 -8.18 0.35 -13.57
N THR A 361 -8.52 -0.74 -14.25
CA THR A 361 -8.59 -2.05 -13.64
C THR A 361 -8.65 -3.05 -14.79
N ASP A 362 -9.24 -4.22 -14.57
CA ASP A 362 -9.26 -5.23 -15.64
C ASP A 362 -10.27 -6.30 -15.34
N GLN A 363 -10.56 -7.10 -16.34
CA GLN A 363 -11.64 -8.06 -16.29
C GLN A 363 -11.47 -9.07 -15.17
N GLU A 364 -10.25 -9.53 -14.98
CA GLU A 364 -9.93 -10.49 -13.94
C GLU A 364 -10.02 -9.85 -12.56
N THR A 365 -9.49 -8.65 -12.43
CA THR A 365 -9.54 -7.96 -11.15
C THR A 365 -10.95 -7.52 -10.79
N SER A 366 -11.65 -6.96 -11.76
CA SER A 366 -12.95 -6.40 -11.47
C SER A 366 -13.97 -6.85 -12.51
N PRO A 367 -14.47 -8.08 -12.41
CA PRO A 367 -15.46 -8.59 -13.39
C PRO A 367 -16.76 -7.80 -13.42
N ALA A 368 -17.45 -7.81 -14.55
CA ALA A 368 -18.70 -7.04 -14.70
C ALA A 368 -19.69 -7.33 -13.60
N GLU A 369 -19.85 -8.61 -13.23
CA GLU A 369 -20.79 -8.97 -12.14
C GLU A 369 -20.71 -7.97 -10.99
N VAL A 370 -19.49 -7.68 -10.52
CA VAL A 370 -19.31 -6.83 -9.33
C VAL A 370 -19.07 -5.34 -9.62
N ALA A 371 -19.53 -4.82 -10.75
CA ALA A 371 -19.38 -3.39 -11.07
C ALA A 371 -20.15 -2.45 -10.12
N GLU A 372 -21.03 -3.01 -9.30
CA GLU A 372 -21.74 -2.27 -8.24
C GLU A 372 -20.95 -2.27 -6.94
N GLN A 373 -19.85 -3.03 -6.89
CA GLN A 373 -18.82 -2.79 -5.86
C GLN A 373 -18.22 -1.35 -5.95
N TYR A 374 -18.34 -0.69 -7.11
CA TYR A 374 -17.63 0.57 -7.43
C TYR A 374 -18.55 1.73 -7.80
N SER A 375 -18.23 2.93 -7.31
CA SER A 375 -18.92 4.16 -7.71
C SER A 375 -18.54 4.58 -9.12
N GLU A 376 -17.33 4.22 -9.50
CA GLU A 376 -16.75 4.59 -10.78
C GLU A 376 -17.18 3.64 -11.89
N LYS A 377 -17.05 4.08 -13.14
CA LYS A 377 -17.12 3.15 -14.24
C LYS A 377 -15.77 2.48 -14.38
N LEU A 378 -15.85 1.23 -14.83
CA LEU A 378 -14.69 0.39 -15.08
C LEU A 378 -14.05 0.78 -16.41
N ALA A 379 -12.75 1.01 -16.34
CA ALA A 379 -11.92 1.21 -17.50
C ALA A 379 -10.94 0.05 -17.51
N TYR A 380 -11.14 -0.87 -18.44
CA TYR A 380 -10.37 -2.10 -18.49
C TYR A 380 -9.09 -1.93 -19.31
N MET A 381 -7.93 -2.15 -18.69
CA MET A 381 -6.70 -2.52 -19.41
C MET A 381 -6.89 -3.92 -19.99
N PRO A 382 -6.12 -4.28 -21.02
CA PRO A 382 -6.44 -5.57 -21.67
C PRO A 382 -5.89 -6.82 -21.06
N HIS A 383 -4.86 -6.70 -20.20
CA HIS A 383 -4.29 -7.86 -19.51
C HIS A 383 -4.51 -7.67 -18.00
N THR A 384 -3.54 -7.14 -17.26
CA THR A 384 -3.83 -6.69 -15.91
C THR A 384 -3.59 -5.22 -15.82
N PHE A 385 -4.24 -4.58 -14.86
CA PHE A 385 -4.00 -3.17 -14.61
C PHE A 385 -2.73 -3.01 -13.80
N PHE A 386 -2.26 -4.10 -13.21
CA PHE A 386 -1.05 -4.08 -12.42
C PHE A 386 0.16 -4.00 -13.30
N ILE A 387 1.17 -3.35 -12.75
CA ILE A 387 2.41 -3.20 -13.41
C ILE A 387 3.53 -3.14 -12.37
N GLY A 388 4.76 -3.37 -12.80
CA GLY A 388 5.91 -3.37 -11.92
C GLY A 388 7.13 -2.91 -12.71
N ASP A 389 8.05 -2.23 -12.04
CA ASP A 389 9.24 -1.68 -12.71
C ASP A 389 10.44 -2.59 -12.52
N HIS A 390 10.17 -3.87 -12.34
CA HIS A 390 11.19 -4.84 -11.94
C HIS A 390 12.23 -5.08 -13.04
N ALA A 391 11.80 -4.96 -14.28
CA ALA A 391 12.70 -5.25 -15.36
C ALA A 391 13.77 -4.20 -15.40
N ASN A 392 13.39 -2.97 -15.08
CA ASN A 392 14.35 -1.87 -14.97
C ASN A 392 15.14 -1.83 -13.62
N MET A 393 14.49 -2.15 -12.51
CA MET A 393 15.12 -1.98 -11.23
C MET A 393 16.07 -3.13 -10.91
N PHE A 394 15.69 -4.36 -11.31
CA PHE A 394 16.41 -5.58 -10.94
C PHE A 394 16.66 -6.47 -12.13
N PRO A 395 17.32 -5.94 -13.14
CA PRO A 395 17.64 -6.73 -14.30
C PRO A 395 18.76 -7.76 -14.03
N HIS A 396 19.49 -7.61 -12.94
CA HIS A 396 20.41 -8.65 -12.46
C HIS A 396 19.69 -9.93 -12.05
N LEU A 397 18.35 -9.87 -11.95
CA LEU A 397 17.54 -11.06 -11.62
C LEU A 397 16.92 -11.71 -12.84
N LYS A 398 17.20 -11.15 -14.00
CA LYS A 398 16.66 -11.71 -15.24
C LYS A 398 17.26 -13.09 -15.46
N LYS A 399 18.50 -13.30 -15.02
CA LYS A 399 19.16 -14.57 -15.16
C LYS A 399 19.75 -14.90 -13.86
N LYS A 400 20.02 -16.19 -13.68
CA LYS A 400 20.69 -16.67 -12.48
C LYS A 400 21.54 -17.88 -12.75
N ALA A 401 22.43 -18.18 -11.82
CA ALA A 401 23.23 -19.40 -11.86
C ALA A 401 23.16 -20.06 -10.50
N VAL A 402 23.46 -21.35 -10.45
CA VAL A 402 23.53 -22.03 -9.16
C VAL A 402 24.88 -22.74 -8.92
N ILE A 403 25.08 -23.17 -7.69
CA ILE A 403 26.20 -24.02 -7.31
C ILE A 403 25.66 -25.41 -6.91
N ASP A 404 26.43 -26.48 -7.10
CA ASP A 404 25.99 -27.81 -6.69
C ASP A 404 26.09 -28.06 -5.16
N ILE A 411 20.76 -31.55 -8.67
CA ILE A 411 20.74 -30.13 -9.12
C ILE A 411 19.44 -29.34 -8.83
N TYR A 412 19.60 -28.30 -8.00
CA TYR A 412 18.50 -27.50 -7.51
C TYR A 412 18.63 -26.09 -8.03
N ASP A 413 17.48 -25.45 -8.30
CA ASP A 413 17.45 -24.11 -8.83
C ASP A 413 17.38 -23.01 -7.78
N ASN A 414 17.31 -23.36 -6.50
CA ASN A 414 16.95 -22.40 -5.44
C ASN A 414 17.57 -22.62 -4.07
N ARG A 415 18.75 -23.24 -4.02
CA ARG A 415 19.48 -23.43 -2.73
C ARG A 415 20.65 -22.46 -2.58
N ILE A 416 21.45 -22.37 -3.63
CA ILE A 416 22.56 -21.45 -3.69
C ILE A 416 22.47 -20.76 -5.03
N VAL A 417 22.36 -19.44 -5.01
CA VAL A 417 22.03 -18.70 -6.22
C VAL A 417 22.97 -17.55 -6.38
N LEU A 418 23.34 -17.28 -7.65
CA LEU A 418 24.18 -16.16 -8.04
C LEU A 418 23.43 -15.37 -9.09
N ASN A 419 23.48 -14.03 -8.94
CA ASN A 419 22.91 -13.09 -9.89
C ASN A 419 23.90 -11.97 -10.15
N GLY A 420 23.87 -11.43 -11.35
CA GLY A 420 24.68 -10.26 -11.62
C GLY A 420 24.74 -9.87 -13.05
N ILE A 421 24.89 -8.57 -13.29
CA ILE A 421 25.00 -8.03 -14.60
C ILE A 421 26.17 -8.67 -15.33
N ASP A 422 27.29 -8.95 -14.63
CA ASP A 422 28.50 -9.55 -15.21
C ASP A 422 28.65 -11.04 -14.94
N LEU A 423 27.54 -11.70 -14.62
CA LEU A 423 27.60 -13.10 -14.22
C LEU A 423 28.13 -13.99 -15.33
N LYS A 424 27.70 -13.75 -16.56
CA LYS A 424 28.14 -14.57 -17.69
C LYS A 424 29.64 -14.55 -17.89
N ALA A 425 30.25 -13.39 -17.65
CA ALA A 425 31.67 -13.22 -17.81
C ALA A 425 32.41 -13.97 -16.73
N PHE A 426 31.87 -13.95 -15.53
CA PHE A 426 32.44 -14.70 -14.42
C PHE A 426 32.35 -16.20 -14.70
N LEU A 427 31.18 -16.63 -15.14
CA LEU A 427 31.01 -18.02 -15.52
C LEU A 427 32.08 -18.43 -16.54
N ASP A 428 32.25 -17.63 -17.60
CA ASP A 428 33.22 -17.97 -18.66
C ASP A 428 34.67 -17.95 -18.12
N SER A 429 34.91 -17.35 -16.98
CA SER A 429 36.22 -17.37 -16.38
C SER A 429 36.49 -18.69 -15.66
N LEU A 430 35.49 -19.54 -15.52
CA LEU A 430 35.65 -20.73 -14.71
C LEU A 430 35.90 -21.96 -15.58
N PRO A 431 36.63 -22.95 -15.04
CA PRO A 431 36.94 -24.13 -15.83
C PRO A 431 35.72 -24.94 -16.26
N ASP A 432 34.84 -25.31 -15.33
CA ASP A 432 33.93 -26.43 -15.58
C ASP A 432 32.44 -26.15 -15.41
N VAL A 433 31.93 -25.09 -16.02
CA VAL A 433 30.51 -24.74 -15.87
C VAL A 433 29.58 -25.58 -16.78
N LYS A 434 28.55 -26.19 -16.22
CA LYS A 434 27.55 -26.89 -17.04
C LYS A 434 26.31 -26.02 -17.25
N ILE A 435 25.68 -26.13 -18.41
CA ILE A 435 24.40 -25.47 -18.64
C ILE A 435 23.30 -26.51 -18.52
N VAL A 436 22.15 -26.09 -18.02
CA VAL A 436 21.01 -26.99 -17.79
C VAL A 436 19.71 -26.44 -18.41
N LYS A 437 19.09 -27.22 -19.29
CA LYS A 437 17.84 -26.81 -19.92
C LYS A 437 16.69 -26.86 -18.92
N MET A 438 15.95 -25.76 -18.85
CA MET A 438 14.84 -25.67 -17.93
C MET A 438 13.60 -26.34 -18.50
N LYS A 439 12.84 -27.03 -17.65
CA LYS A 439 11.67 -27.80 -18.09
C LYS A 439 10.42 -26.94 -18.18
N ASN A 455 17.45 -22.29 -19.68
CA ASN A 455 18.94 -22.27 -19.62
C ASN A 455 19.49 -21.80 -18.27
N MET A 456 20.04 -22.72 -17.49
CA MET A 456 20.54 -22.35 -16.19
C MET A 456 21.98 -22.83 -15.99
N PRO A 457 22.91 -21.90 -15.90
CA PRO A 457 24.28 -22.27 -15.57
C PRO A 457 24.45 -22.92 -14.20
N VAL A 458 25.32 -23.93 -14.14
CA VAL A 458 25.58 -24.67 -12.93
C VAL A 458 27.09 -24.75 -12.70
N ILE A 459 27.49 -24.31 -11.51
CA ILE A 459 28.88 -24.32 -11.13
C ILE A 459 29.08 -25.53 -10.25
N PRO A 460 29.95 -26.47 -10.68
CA PRO A 460 30.22 -27.71 -9.95
C PRO A 460 30.95 -27.47 -8.63
N MET A 461 30.91 -28.50 -7.78
CA MET A 461 31.54 -28.48 -6.46
C MET A 461 33.07 -28.56 -6.61
N ASN A 462 33.72 -27.53 -6.10
CA ASN A 462 34.94 -27.05 -6.70
C ASN A 462 35.64 -26.18 -5.67
N THR A 463 36.89 -25.81 -5.91
CA THR A 463 37.61 -24.90 -5.03
C THR A 463 36.91 -23.54 -5.01
N ILE A 464 36.34 -23.13 -6.14
CA ILE A 464 35.61 -21.86 -6.23
C ILE A 464 34.27 -21.92 -5.47
N ALA A 465 33.49 -22.94 -5.77
CA ALA A 465 32.27 -23.23 -5.02
C ALA A 465 32.49 -23.23 -3.50
N GLU A 466 33.62 -23.80 -3.07
CA GLU A 466 33.93 -23.89 -1.65
C GLU A 466 34.15 -22.52 -1.03
N ALA A 467 34.89 -21.68 -1.75
CA ALA A 467 35.19 -20.32 -1.29
C ALA A 467 33.94 -19.45 -1.15
N VAL A 468 32.97 -19.62 -2.08
CA VAL A 468 31.73 -18.85 -2.02
C VAL A 468 30.95 -19.23 -0.79
N ILE A 469 30.84 -20.53 -0.55
CA ILE A 469 30.07 -21.01 0.59
C ILE A 469 30.75 -20.55 1.86
N GLU A 470 32.07 -20.61 1.86
CA GLU A 470 32.85 -20.17 3.00
C GLU A 470 32.57 -18.71 3.35
N MET A 471 32.47 -17.85 2.35
CA MET A 471 32.13 -16.45 2.61
C MET A 471 30.81 -16.35 3.36
N ILE A 472 29.82 -17.12 2.90
CA ILE A 472 28.50 -17.04 3.52
C ILE A 472 28.57 -17.48 4.97
N ASN A 473 29.18 -18.66 5.19
CA ASN A 473 29.15 -19.26 6.54
C ASN A 473 29.82 -18.38 7.55
N ARG A 474 30.88 -17.71 7.13
CA ARG A 474 31.65 -16.89 8.04
C ARG A 474 31.10 -15.50 8.20
N GLY A 475 30.08 -15.11 7.42
CA GLY A 475 29.49 -13.76 7.54
C GLY A 475 30.38 -12.68 6.95
N GLN A 476 31.18 -13.06 5.96
CA GLN A 476 32.00 -12.12 5.22
C GLN A 476 31.17 -11.35 4.19
N ILE A 477 31.61 -10.13 3.92
CA ILE A 477 30.84 -9.17 3.19
C ILE A 477 30.98 -9.39 1.70
N GLN A 478 32.15 -9.83 1.27
CA GLN A 478 32.46 -10.03 -0.15
C GLN A 478 33.82 -10.73 -0.31
N ILE A 479 34.04 -11.32 -1.47
CA ILE A 479 35.36 -11.77 -1.82
C ILE A 479 35.58 -11.50 -3.32
N THR A 480 36.78 -11.85 -3.78
CA THR A 480 37.18 -11.69 -5.17
C THR A 480 37.59 -13.03 -5.75
N ILE A 481 37.11 -13.34 -6.93
CA ILE A 481 37.48 -14.56 -7.61
C ILE A 481 37.67 -14.24 -9.08
N ASN A 482 38.85 -14.55 -9.60
CA ASN A 482 39.25 -14.17 -10.95
C ASN A 482 39.03 -12.67 -11.23
N GLY A 483 39.20 -11.83 -10.21
CA GLY A 483 39.01 -10.39 -10.37
C GLY A 483 37.56 -9.89 -10.33
N PHE A 484 36.60 -10.81 -10.28
CA PHE A 484 35.19 -10.43 -10.12
C PHE A 484 34.86 -10.20 -8.67
N SER A 485 34.02 -9.19 -8.42
CA SER A 485 33.55 -8.92 -7.08
C SER A 485 32.40 -9.86 -6.84
N ILE A 486 32.48 -10.65 -5.77
CA ILE A 486 31.41 -11.55 -5.39
C ILE A 486 30.96 -11.12 -4.04
N SER A 487 29.67 -10.78 -3.91
CA SER A 487 29.13 -10.20 -2.68
C SER A 487 28.12 -11.08 -1.92
N ASN A 488 28.16 -10.99 -0.61
CA ASN A 488 27.20 -11.65 0.24
C ASN A 488 25.86 -10.89 0.21
N GLY A 489 24.84 -11.49 -0.39
CA GLY A 489 23.50 -10.90 -0.46
C GLY A 489 22.95 -10.34 0.85
N LEU A 490 23.57 -10.71 1.98
CA LEU A 490 23.14 -10.16 3.28
C LEU A 490 23.79 -8.82 3.60
N ALA A 491 24.69 -8.37 2.77
CA ALA A 491 25.51 -7.22 3.11
C ALA A 491 25.35 -6.12 2.14
N THR A 492 24.23 -6.11 1.39
CA THR A 492 24.03 -5.12 0.35
C THR A 492 24.14 -3.68 0.89
N THR A 493 23.56 -3.38 2.04
CA THR A 493 23.65 -1.97 2.49
C THR A 493 25.07 -1.53 2.84
N GLN A 494 25.96 -2.47 3.21
CA GLN A 494 27.38 -2.12 3.44
C GLN A 494 28.19 -1.91 2.15
N ILE A 495 27.77 -2.54 1.07
CA ILE A 495 28.49 -2.46 -0.17
C ILE A 495 28.01 -1.29 -1.00
N ASN A 496 26.69 -1.11 -1.11
CA ASN A 496 26.07 -0.04 -1.86
C ASN A 496 24.62 0.15 -1.45
N ASN A 497 24.36 1.13 -0.59
CA ASN A 497 23.04 1.30 -0.02
C ASN A 497 21.97 1.73 -1.07
N LYS A 498 22.39 2.35 -2.15
CA LYS A 498 21.48 2.65 -3.23
C LYS A 498 21.09 1.45 -4.08
N ALA A 499 21.93 0.42 -4.11
CA ALA A 499 21.50 -0.82 -4.77
C ALA A 499 20.49 -1.58 -3.88
N ALA A 500 20.63 -1.43 -2.56
CA ALA A 500 19.75 -2.11 -1.64
C ALA A 500 18.33 -1.64 -1.78
N THR A 501 18.17 -0.34 -1.95
CA THR A 501 16.89 0.26 -2.06
C THR A 501 16.26 0.10 -3.41
N GLY A 502 17.01 -0.35 -4.40
CA GLY A 502 16.51 -0.39 -5.79
C GLY A 502 16.74 0.90 -6.58
N GLU A 503 17.36 1.88 -5.96
CA GLU A 503 17.71 3.10 -6.63
C GLU A 503 18.80 2.94 -7.72
N GLU A 504 19.73 2.01 -7.51
CA GLU A 504 20.80 1.72 -8.46
C GLU A 504 20.75 0.20 -8.75
N VAL A 505 21.14 -0.23 -9.95
CA VAL A 505 21.36 -1.62 -10.26
C VAL A 505 22.74 -2.04 -9.64
N PRO A 506 22.75 -3.16 -8.91
CA PRO A 506 24.03 -3.62 -8.32
C PRO A 506 25.08 -3.84 -9.35
N ARG A 507 26.29 -3.42 -9.06
CA ARG A 507 27.39 -3.59 -9.96
C ARG A 507 28.30 -4.74 -9.57
N THR A 508 27.92 -5.52 -8.56
CA THR A 508 28.66 -6.74 -8.22
C THR A 508 27.79 -7.97 -8.40
N ILE A 509 28.44 -9.12 -8.30
CA ILE A 509 27.76 -10.42 -8.36
C ILE A 509 27.35 -10.82 -6.97
N ILE A 510 26.09 -11.22 -6.82
CA ILE A 510 25.50 -11.48 -5.51
C ILE A 510 25.19 -12.93 -5.36
N VAL A 511 25.40 -13.42 -4.15
CA VAL A 511 25.19 -14.79 -3.80
C VAL A 511 24.08 -14.75 -2.82
N THR A 512 23.16 -15.68 -2.96
CA THR A 512 21.97 -15.73 -2.15
C THR A 512 21.76 -17.22 -1.86
N THR A 513 21.48 -17.58 -0.61
CA THR A 513 21.39 -18.98 -0.30
C THR A 513 20.36 -19.22 0.75
N ARG A 514 19.82 -20.43 0.76
CA ARG A 514 18.92 -20.81 1.80
C ARG A 514 19.51 -20.76 3.20
N SER A 515 20.81 -21.01 3.37
CA SER A 515 21.37 -21.04 4.71
C SER A 515 21.38 -19.65 5.33
N GLN A 516 21.49 -18.59 4.51
CA GLN A 516 21.44 -17.20 5.02
C GLN A 516 20.14 -16.88 5.71
N TYR A 517 19.10 -17.65 5.50
CA TYR A 517 17.81 -17.33 6.07
C TYR A 517 17.28 -18.43 6.98
N GLY A 518 18.14 -19.39 7.30
CA GLY A 518 17.79 -20.52 8.17
C GLY A 518 16.89 -21.55 7.50
N LEU A 519 16.88 -21.57 6.19
CA LEU A 519 15.98 -22.45 5.45
C LEU A 519 16.71 -23.73 5.10
N PRO A 520 15.99 -24.86 5.10
CA PRO A 520 16.63 -26.16 4.92
C PRO A 520 16.92 -26.44 3.46
N GLU A 521 18.10 -27.02 3.22
CA GLU A 521 18.56 -27.32 1.89
C GLU A 521 17.75 -28.45 1.24
N ASP A 522 16.98 -29.18 2.01
CA ASP A 522 16.45 -30.45 1.55
C ASP A 522 14.93 -30.47 1.57
N ALA A 523 14.27 -29.33 1.69
CA ALA A 523 12.82 -29.39 1.79
C ALA A 523 12.16 -28.30 1.00
N ILE A 524 10.88 -28.48 0.75
CA ILE A 524 10.05 -27.50 0.04
C ILE A 524 9.85 -26.28 0.93
N VAL A 525 10.04 -25.10 0.35
CA VAL A 525 9.85 -23.82 1.03
C VAL A 525 8.68 -23.10 0.38
N TYR A 526 7.61 -22.90 1.16
CA TYR A 526 6.49 -22.07 0.76
C TYR A 526 6.77 -20.68 1.38
N CYS A 527 6.47 -19.60 0.67
CA CYS A 527 6.70 -18.27 1.25
C CYS A 527 5.49 -17.42 1.16
N ASN A 528 5.43 -16.46 2.07
CA ASN A 528 4.63 -15.31 1.86
C ASN A 528 5.24 -14.12 2.56
N PHE A 529 5.52 -13.08 1.80
CA PHE A 529 6.29 -11.97 2.25
C PHE A 529 5.49 -10.67 2.48
N ASN A 530 4.17 -10.80 2.67
CA ASN A 530 3.33 -9.66 2.95
C ASN A 530 3.37 -9.30 4.39
N GLN A 531 2.84 -8.12 4.66
CA GLN A 531 2.60 -7.74 6.02
C GLN A 531 1.61 -8.75 6.59
N LEU A 532 1.83 -9.11 7.85
CA LEU A 532 1.05 -10.12 8.51
C LEU A 532 -0.43 -9.86 8.56
N TYR A 533 -0.86 -8.63 8.43
CA TYR A 533 -2.28 -8.28 8.54
C TYR A 533 -3.13 -8.92 7.47
N LYS A 534 -2.56 -9.26 6.32
CA LYS A 534 -3.35 -9.84 5.25
C LYS A 534 -3.76 -11.30 5.57
N ILE A 535 -3.12 -11.89 6.57
CA ILE A 535 -3.42 -13.26 7.03
C ILE A 535 -4.62 -13.27 7.99
N ASP A 536 -5.46 -14.29 7.88
CA ASP A 536 -6.63 -14.44 8.76
C ASP A 536 -6.70 -15.90 9.16
N PRO A 537 -7.56 -16.25 10.13
CA PRO A 537 -7.63 -17.65 10.61
C PRO A 537 -7.81 -18.70 9.51
N SER A 538 -8.73 -18.48 8.58
CA SER A 538 -8.99 -19.41 7.48
C SER A 538 -7.75 -19.62 6.68
N THR A 539 -7.03 -18.54 6.43
CA THR A 539 -5.83 -18.60 5.64
C THR A 539 -4.74 -19.39 6.34
N LEU A 540 -4.48 -19.11 7.62
CA LEU A 540 -3.45 -19.87 8.32
C LEU A 540 -3.86 -21.37 8.42
N GLN A 541 -5.16 -21.65 8.45
CA GLN A 541 -5.67 -23.03 8.49
C GLN A 541 -5.33 -23.74 7.18
N MET A 542 -5.51 -23.04 6.05
CA MET A 542 -5.07 -23.57 4.77
C MET A 542 -3.60 -23.88 4.79
N TRP A 543 -2.80 -22.94 5.26
CA TRP A 543 -1.36 -23.09 5.19
C TRP A 543 -0.91 -24.28 6.00
N ALA A 544 -1.59 -24.51 7.12
CA ALA A 544 -1.24 -25.58 8.04
C ALA A 544 -1.57 -26.93 7.42
N ASN A 545 -2.77 -27.02 6.85
CA ASN A 545 -3.23 -28.18 6.11
C ASN A 545 -2.23 -28.59 5.07
N ILE A 546 -1.77 -27.60 4.32
CA ILE A 546 -0.81 -27.80 3.24
C ILE A 546 0.49 -28.31 3.81
N LEU A 547 0.94 -27.70 4.90
CA LEU A 547 2.23 -28.09 5.50
C LEU A 547 2.14 -29.49 6.09
N LYS A 548 0.99 -29.82 6.68
CA LYS A 548 0.75 -31.17 7.19
C LYS A 548 0.83 -32.21 6.08
N ARG A 549 0.16 -31.94 4.97
CA ARG A 549 0.19 -32.79 3.77
C ARG A 549 1.56 -32.93 3.12
N VAL A 550 2.49 -32.01 3.39
CA VAL A 550 3.82 -32.06 2.77
C VAL A 550 4.93 -32.13 3.82
N PRO A 551 5.17 -33.31 4.34
CA PRO A 551 6.13 -33.38 5.45
C PRO A 551 7.49 -32.79 5.08
N ASN A 552 8.20 -32.22 6.01
CA ASN A 552 9.44 -31.59 5.61
C ASN A 552 9.10 -30.70 4.36
N SER A 553 8.36 -29.65 4.69
CA SER A 553 8.33 -28.43 3.98
C SER A 553 8.23 -27.40 5.08
N VAL A 554 8.43 -26.13 4.75
CA VAL A 554 8.33 -25.05 5.72
C VAL A 554 7.55 -23.88 5.10
N LEU A 555 7.01 -23.02 5.94
CA LEU A 555 6.37 -21.79 5.51
C LEU A 555 7.27 -20.67 5.97
N TRP A 556 7.64 -19.82 5.01
CA TRP A 556 8.63 -18.79 5.25
C TRP A 556 7.93 -17.45 5.24
N LEU A 557 7.86 -16.82 6.42
CA LEU A 557 7.18 -15.55 6.63
C LEU A 557 8.11 -14.42 7.13
N LEU A 558 7.61 -13.21 7.11
CA LEU A 558 8.40 -12.05 7.63
C LEU A 558 7.94 -11.50 8.98
N ARG A 559 8.89 -10.98 9.72
CA ARG A 559 8.60 -10.19 10.92
C ARG A 559 8.06 -8.82 10.53
N PHE A 560 6.75 -8.71 10.31
CA PHE A 560 6.18 -7.55 9.61
C PHE A 560 4.80 -7.30 10.18
N PRO A 561 4.72 -7.10 11.49
CA PRO A 561 5.87 -6.82 12.36
C PRO A 561 6.28 -7.98 13.15
N ALA A 562 7.45 -7.89 13.76
CA ALA A 562 7.99 -9.02 14.53
C ALA A 562 7.05 -9.55 15.65
N VAL A 563 6.26 -8.67 16.26
CA VAL A 563 5.38 -9.09 17.34
C VAL A 563 4.14 -9.84 16.89
N GLY A 564 3.94 -9.99 15.59
CA GLY A 564 2.94 -10.94 15.11
C GLY A 564 3.44 -12.38 15.14
N GLU A 565 4.75 -12.57 15.27
CA GLU A 565 5.30 -13.90 15.15
C GLU A 565 4.76 -14.92 16.19
N PRO A 566 4.75 -14.55 17.46
CA PRO A 566 4.25 -15.59 18.38
C PRO A 566 2.76 -15.94 18.21
N ASN A 567 1.93 -14.95 17.89
CA ASN A 567 0.53 -15.28 17.58
C ASN A 567 0.41 -16.34 16.47
N ILE A 568 1.10 -16.08 15.36
CA ILE A 568 1.11 -16.95 14.21
C ILE A 568 1.58 -18.33 14.65
N GLN A 569 2.74 -18.39 15.32
CA GLN A 569 3.33 -19.66 15.74
C GLN A 569 2.34 -20.43 16.62
N GLN A 570 1.80 -19.77 17.65
CA GLN A 570 0.84 -20.40 18.53
C GLN A 570 -0.35 -20.90 17.76
N TYR A 571 -1.02 -20.10 16.95
CA TYR A 571 -2.25 -20.62 16.30
C TYR A 571 -1.88 -21.79 15.41
N ALA A 572 -0.63 -21.85 14.98
CA ALA A 572 -0.19 -22.95 14.16
C ALA A 572 0.03 -24.21 15.01
N GLN A 573 0.55 -24.03 16.22
CA GLN A 573 0.72 -25.16 17.15
C GLN A 573 -0.66 -25.77 17.46
N ASN A 574 -1.63 -24.92 17.81
CA ASN A 574 -3.01 -25.36 17.95
C ASN A 574 -3.54 -26.13 16.76
N MET A 575 -3.12 -25.77 15.56
CA MET A 575 -3.58 -26.47 14.34
C MET A 575 -2.89 -27.84 14.14
N GLY A 576 -1.84 -28.14 14.92
CA GLY A 576 -1.12 -29.41 14.80
C GLY A 576 0.35 -29.30 14.41
N LEU A 577 0.77 -28.14 13.90
CA LEU A 577 2.12 -27.99 13.40
C LEU A 577 3.16 -27.79 14.50
N PRO A 578 4.33 -28.47 14.42
CA PRO A 578 5.51 -28.10 15.25
C PRO A 578 6.11 -26.74 14.89
N GLN A 579 6.99 -26.20 15.74
CA GLN A 579 7.51 -24.81 15.62
C GLN A 579 8.40 -24.59 14.40
N ASN A 580 9.27 -25.57 14.15
CA ASN A 580 10.23 -25.55 13.05
C ASN A 580 9.62 -25.51 11.65
N ARG A 581 8.31 -25.65 11.56
CA ARG A 581 7.63 -25.64 10.29
C ARG A 581 7.43 -24.21 9.74
N ILE A 582 7.48 -23.20 10.60
CA ILE A 582 7.37 -21.82 10.17
C ILE A 582 8.62 -21.01 10.50
N ILE A 583 9.30 -20.52 9.49
CA ILE A 583 10.55 -19.81 9.69
C ILE A 583 10.32 -18.35 9.35
N PHE A 584 10.59 -17.48 10.31
CA PHE A 584 10.50 -16.03 10.17
C PHE A 584 11.85 -15.45 9.86
N SER A 585 11.86 -14.57 8.87
CA SER A 585 12.99 -13.69 8.57
C SER A 585 12.64 -12.22 8.78
N PRO A 586 13.62 -11.38 9.01
CA PRO A 586 13.35 -9.95 9.09
C PRO A 586 12.97 -9.34 7.74
N VAL A 587 12.30 -8.19 7.80
CA VAL A 587 12.06 -7.36 6.63
C VAL A 587 13.42 -6.90 6.09
N ALA A 588 13.63 -6.98 4.78
CA ALA A 588 14.92 -6.63 4.17
C ALA A 588 14.84 -5.40 3.28
N PRO A 589 16.00 -4.81 2.98
CA PRO A 589 15.97 -3.78 1.92
C PRO A 589 15.31 -4.33 0.65
N LYS A 590 14.74 -3.46 -0.15
CA LYS A 590 13.96 -3.81 -1.33
C LYS A 590 14.62 -4.82 -2.27
N GLU A 591 15.90 -4.64 -2.62
CA GLU A 591 16.50 -5.54 -3.60
C GLU A 591 16.70 -6.95 -3.04
N GLU A 592 16.95 -7.05 -1.73
CA GLU A 592 17.18 -8.35 -1.07
C GLU A 592 15.88 -9.10 -0.97
N HIS A 593 14.88 -8.39 -0.51
CA HIS A 593 13.51 -8.90 -0.53
C HIS A 593 13.17 -9.56 -1.85
N VAL A 594 13.47 -8.88 -2.95
CA VAL A 594 13.13 -9.42 -4.25
C VAL A 594 14.06 -10.57 -4.63
N ARG A 595 15.36 -10.32 -4.49
CA ARG A 595 16.34 -11.35 -4.76
C ARG A 595 16.07 -12.61 -3.97
N ARG A 596 15.67 -12.48 -2.70
CA ARG A 596 15.53 -13.69 -1.87
C ARG A 596 14.35 -14.62 -2.17
N GLY A 597 13.34 -14.13 -2.88
CA GLY A 597 12.20 -14.97 -3.19
C GLY A 597 12.64 -16.11 -4.11
N GLN A 598 13.75 -15.91 -4.82
CA GLN A 598 14.36 -16.99 -5.57
C GLN A 598 14.62 -18.28 -4.79
N LEU A 599 14.78 -18.20 -3.46
CA LEU A 599 15.10 -19.37 -2.65
C LEU A 599 13.90 -20.23 -2.28
N ALA A 600 12.72 -19.67 -2.50
CA ALA A 600 11.48 -20.35 -2.27
C ALA A 600 11.11 -21.24 -3.44
N ASP A 601 10.28 -22.25 -3.17
CA ASP A 601 9.69 -23.08 -4.21
C ASP A 601 8.38 -22.51 -4.73
N VAL A 602 7.55 -22.02 -3.81
CA VAL A 602 6.16 -21.64 -4.08
C VAL A 602 5.74 -20.48 -3.17
N CYS A 603 4.82 -19.66 -3.65
CA CYS A 603 4.32 -18.61 -2.85
C CYS A 603 2.88 -18.85 -2.62
N LEU A 604 2.53 -18.87 -1.35
CA LEU A 604 1.17 -19.04 -0.99
C LEU A 604 0.60 -17.66 -0.72
N ASP A 605 -0.17 -17.15 -1.68
CA ASP A 605 -0.80 -15.83 -1.60
C ASP A 605 -1.90 -15.80 -0.57
N THR A 606 -2.08 -14.63 0.07
CA THR A 606 -3.12 -14.36 1.05
C THR A 606 -4.49 -14.03 0.37
N PRO A 607 -5.48 -14.89 0.51
CA PRO A 607 -6.77 -14.63 -0.19
C PRO A 607 -7.54 -13.44 0.31
N LEU A 608 -7.45 -13.17 1.62
CA LEU A 608 -8.18 -12.04 2.21
C LEU A 608 -7.81 -10.72 1.53
N CYS A 609 -6.52 -10.49 1.37
CA CYS A 609 -5.99 -9.37 0.62
C CYS A 609 -4.71 -9.88 0.00
N ASN A 610 -4.65 -9.87 -1.34
CA ASN A 610 -3.53 -10.52 -2.00
C ASN A 610 -2.28 -9.68 -1.81
N GLY A 611 -1.15 -10.29 -2.14
CA GLY A 611 0.05 -9.55 -2.45
C GLY A 611 -0.18 -8.80 -3.74
N HIS A 612 0.10 -7.51 -3.72
CA HIS A 612 -0.05 -6.69 -4.88
C HIS A 612 1.35 -6.39 -5.39
N THR A 613 1.97 -5.32 -4.93
CA THR A 613 3.41 -5.13 -5.14
C THR A 613 4.20 -6.38 -4.78
N THR A 614 3.82 -7.00 -3.70
CA THR A 614 4.47 -8.19 -3.23
C THR A 614 4.33 -9.38 -4.16
N GLY A 615 3.19 -9.43 -4.85
CA GLY A 615 2.93 -10.41 -5.87
C GLY A 615 3.84 -10.27 -7.07
N MET A 616 4.07 -9.03 -7.53
CA MET A 616 4.98 -8.82 -8.63
C MET A 616 6.43 -9.17 -8.17
N ASP A 617 6.76 -8.88 -6.91
CA ASP A 617 8.09 -9.15 -6.37
C ASP A 617 8.48 -10.63 -6.49
N VAL A 618 7.59 -11.50 -6.09
CA VAL A 618 7.88 -12.89 -5.98
C VAL A 618 7.88 -13.51 -7.39
N LEU A 619 6.95 -13.10 -8.24
CA LEU A 619 6.89 -13.52 -9.62
C LEU A 619 8.16 -13.15 -10.38
N TRP A 620 8.75 -11.99 -10.08
CA TRP A 620 10.01 -11.61 -10.72
C TRP A 620 11.18 -12.53 -10.30
N ALA A 621 11.10 -13.12 -9.10
CA ALA A 621 12.09 -14.11 -8.70
C ALA A 621 11.89 -15.49 -9.41
N GLY A 622 10.83 -15.61 -10.22
CA GLY A 622 10.56 -16.88 -10.91
C GLY A 622 9.83 -17.88 -10.03
N THR A 623 9.21 -17.37 -8.98
CA THR A 623 8.54 -18.13 -7.99
C THR A 623 7.01 -18.15 -8.23
N PRO A 624 6.42 -19.33 -8.51
CA PRO A 624 5.00 -19.44 -8.71
C PRO A 624 4.21 -19.08 -7.47
N MET A 625 3.03 -18.54 -7.71
CA MET A 625 2.17 -18.08 -6.67
C MET A 625 0.85 -18.75 -6.84
N VAL A 626 0.39 -19.38 -5.75
CA VAL A 626 -0.95 -19.96 -5.70
C VAL A 626 -1.86 -18.92 -5.05
N THR A 627 -3.01 -18.66 -5.66
CA THR A 627 -3.94 -17.63 -5.16
C THR A 627 -5.34 -18.12 -5.24
N MET A 628 -6.20 -17.53 -4.42
CA MET A 628 -7.64 -17.79 -4.50
C MET A 628 -8.41 -16.46 -4.62
N PRO A 629 -8.69 -16.05 -5.86
CA PRO A 629 -9.42 -14.77 -6.03
C PRO A 629 -10.71 -14.72 -5.24
N GLY A 630 -11.01 -13.61 -4.58
CA GLY A 630 -12.24 -13.44 -3.79
C GLY A 630 -13.19 -12.57 -4.63
N GLU A 631 -13.89 -11.64 -3.99
CA GLU A 631 -14.79 -10.74 -4.72
C GLU A 631 -14.22 -9.32 -4.78
N THR A 632 -13.68 -8.86 -3.64
CA THR A 632 -13.05 -7.54 -3.57
C THR A 632 -11.92 -7.40 -4.56
N LEU A 633 -11.66 -6.18 -4.96
CA LEU A 633 -10.56 -5.88 -5.83
C LEU A 633 -9.26 -6.42 -5.21
N ALA A 634 -9.04 -6.19 -3.92
CA ALA A 634 -7.78 -6.58 -3.26
C ALA A 634 -7.56 -8.10 -3.20
N SER A 635 -8.63 -8.85 -3.38
CA SER A 635 -8.54 -10.30 -3.27
C SER A 635 -8.39 -10.94 -4.64
N ARG A 636 -8.35 -10.13 -5.70
CA ARG A 636 -8.35 -10.62 -7.06
C ARG A 636 -7.10 -10.26 -7.86
N VAL A 637 -6.32 -9.34 -7.32
CA VAL A 637 -5.19 -8.81 -8.03
C VAL A 637 -4.16 -9.87 -8.41
N ALA A 638 -3.87 -10.80 -7.51
CA ALA A 638 -2.83 -11.78 -7.84
C ALA A 638 -3.33 -12.72 -8.95
N ALA A 639 -4.61 -13.05 -8.91
CA ALA A 639 -5.20 -13.85 -9.97
C ALA A 639 -5.10 -13.13 -11.33
N SER A 640 -5.23 -11.81 -11.32
CA SER A 640 -5.07 -11.05 -12.54
C SER A 640 -3.62 -11.06 -12.98
N GLN A 641 -2.70 -10.90 -12.02
CA GLN A 641 -1.26 -10.99 -12.36
C GLN A 641 -0.97 -12.31 -13.03
N LEU A 642 -1.52 -13.37 -12.45
CA LEU A 642 -1.25 -14.74 -12.91
C LEU A 642 -1.86 -15.05 -14.28
N THR A 643 -3.12 -14.65 -14.48
CA THR A 643 -3.75 -14.66 -15.82
C THR A 643 -2.90 -13.98 -16.88
N CYS A 644 -2.50 -12.72 -16.64
CA CYS A 644 -1.56 -12.02 -17.56
C CYS A 644 -0.28 -12.81 -17.73
N LEU A 645 0.25 -13.34 -16.62
CA LEU A 645 1.45 -14.18 -16.71
C LEU A 645 1.22 -15.47 -17.56
N GLY A 646 -0.02 -15.91 -17.65
CA GLY A 646 -0.37 -17.09 -18.42
C GLY A 646 -0.34 -18.38 -17.61
N CYS A 647 -0.50 -18.26 -16.29
CA CYS A 647 -0.45 -19.40 -15.40
C CYS A 647 -1.80 -19.65 -14.73
N LEU A 648 -2.80 -20.05 -15.52
CA LEU A 648 -4.14 -20.26 -15.02
C LEU A 648 -4.19 -21.42 -14.06
N GLU A 649 -3.26 -22.35 -14.21
CA GLU A 649 -3.22 -23.55 -13.37
C GLU A 649 -3.04 -23.21 -11.86
N LEU A 650 -2.51 -22.02 -11.55
CA LEU A 650 -2.21 -21.61 -10.16
C LEU A 650 -3.31 -20.84 -9.47
N ILE A 651 -4.45 -20.68 -10.13
CA ILE A 651 -5.57 -19.94 -9.62
C ILE A 651 -6.65 -20.89 -9.14
N ALA A 652 -6.90 -20.90 -7.83
CA ALA A 652 -7.93 -21.71 -7.18
C ALA A 652 -9.31 -21.06 -7.12
N LYS A 653 -10.35 -21.90 -7.24
CA LYS A 653 -11.77 -21.50 -7.18
C LYS A 653 -12.36 -21.69 -5.80
N ASN A 654 -11.64 -22.39 -4.93
CA ASN A 654 -12.05 -22.63 -3.54
C ASN A 654 -10.82 -23.10 -2.77
N ARG A 655 -10.99 -23.45 -1.51
CA ARG A 655 -9.88 -23.70 -0.62
C ARG A 655 -9.30 -25.08 -0.82
N GLN A 656 -10.14 -26.03 -1.20
CA GLN A 656 -9.64 -27.36 -1.50
C GLN A 656 -8.72 -27.27 -2.71
N GLU A 657 -9.19 -26.63 -3.77
CA GLU A 657 -8.29 -26.39 -4.92
C GLU A 657 -6.94 -25.78 -4.50
N TYR A 658 -6.98 -24.71 -3.69
CA TYR A 658 -5.81 -23.98 -3.30
C TYR A 658 -4.82 -24.89 -2.61
N GLU A 659 -5.32 -25.63 -1.62
CA GLU A 659 -4.48 -26.62 -0.94
C GLU A 659 -3.96 -27.70 -1.90
N ASP A 660 -4.82 -28.21 -2.79
CA ASP A 660 -4.35 -29.33 -3.70
C ASP A 660 -3.26 -28.82 -4.62
N ILE A 661 -3.45 -27.62 -5.16
CA ILE A 661 -2.44 -27.02 -6.03
C ILE A 661 -1.12 -26.91 -5.29
N ALA A 662 -1.17 -26.40 -4.09
CA ALA A 662 0.01 -26.12 -3.33
C ALA A 662 0.70 -27.42 -2.93
N VAL A 663 -0.09 -28.42 -2.53
CA VAL A 663 0.48 -29.74 -2.17
C VAL A 663 1.06 -30.42 -3.41
N LYS A 664 0.33 -30.35 -4.50
CA LYS A 664 0.84 -30.87 -5.75
C LYS A 664 2.16 -30.23 -6.09
N LEU A 665 2.26 -28.88 -5.97
CA LEU A 665 3.54 -28.22 -6.30
C LEU A 665 4.65 -28.61 -5.31
N GLY A 666 4.27 -29.00 -4.09
CA GLY A 666 5.22 -29.50 -3.10
C GLY A 666 5.58 -30.99 -3.12
N THR A 667 4.90 -31.79 -3.93
CA THR A 667 5.17 -33.25 -3.96
C THR A 667 5.53 -33.79 -5.33
N ASP A 668 4.75 -33.40 -6.33
CA ASP A 668 5.04 -33.63 -7.75
C ASP A 668 6.14 -32.67 -8.22
N LEU A 669 7.40 -33.05 -7.99
CA LEU A 669 8.54 -32.22 -8.23
C LEU A 669 8.83 -31.91 -9.71
N GLU A 670 8.51 -32.82 -10.62
CA GLU A 670 8.62 -32.53 -12.04
C GLU A 670 7.58 -31.54 -12.43
N TYR A 671 6.43 -31.59 -11.80
CA TYR A 671 5.41 -30.61 -12.12
C TYR A 671 5.85 -29.26 -11.55
N LEU A 672 6.65 -29.29 -10.49
CA LEU A 672 7.20 -28.09 -9.92
C LEU A 672 8.26 -27.50 -10.82
N LYS A 673 9.10 -28.35 -11.43
CA LYS A 673 10.08 -27.84 -12.41
C LYS A 673 9.41 -27.15 -13.57
N LYS A 674 8.38 -27.80 -14.06
CA LYS A 674 7.65 -27.27 -15.19
C LYS A 674 6.98 -25.93 -14.85
N VAL A 675 6.31 -25.83 -13.72
CA VAL A 675 5.58 -24.59 -13.42
C VAL A 675 6.56 -23.44 -13.22
N ARG A 676 7.69 -23.74 -12.56
CA ARG A 676 8.79 -22.77 -12.34
C ARG A 676 9.48 -22.33 -13.60
N GLY A 677 9.67 -23.24 -14.54
CA GLY A 677 10.21 -22.87 -15.83
C GLY A 677 9.22 -21.97 -16.56
N LYS A 678 7.94 -22.29 -16.45
CA LYS A 678 6.97 -21.44 -17.12
C LYS A 678 6.98 -20.01 -16.53
N VAL A 679 6.95 -19.89 -15.20
CA VAL A 679 7.00 -18.55 -14.59
C VAL A 679 8.29 -17.84 -15.00
N TRP A 680 9.41 -18.53 -14.85
CA TRP A 680 10.70 -17.95 -15.09
C TRP A 680 10.78 -17.32 -16.47
N LYS A 681 10.30 -17.99 -17.49
CA LYS A 681 10.32 -17.40 -18.82
C LYS A 681 9.11 -16.49 -19.12
N GLN A 682 7.93 -16.78 -18.59
CA GLN A 682 6.80 -15.89 -18.87
C GLN A 682 6.93 -14.52 -18.21
N ARG A 683 7.89 -14.35 -17.28
CA ARG A 683 8.03 -13.05 -16.69
C ARG A 683 8.72 -12.10 -17.65
N ILE A 684 9.36 -12.66 -18.68
CA ILE A 684 9.97 -11.90 -19.77
C ILE A 684 9.06 -11.84 -21.03
N SER A 685 8.53 -12.99 -21.42
CA SER A 685 7.82 -13.10 -22.67
C SER A 685 6.36 -12.67 -22.52
N SER A 686 5.79 -12.78 -21.33
CA SER A 686 4.43 -12.23 -21.09
C SER A 686 4.46 -10.71 -20.83
N PRO A 687 3.12 -9.90 -20.99
CA PRO A 687 2.98 -8.47 -20.75
C PRO A 687 3.30 -8.01 -19.36
N LEU A 688 3.41 -8.93 -18.41
CA LEU A 688 3.32 -8.58 -16.99
C LEU A 688 4.25 -7.45 -16.55
N PHE A 689 5.54 -7.63 -16.85
CA PHE A 689 6.61 -6.73 -16.46
C PHE A 689 7.05 -5.85 -17.64
N ASN A 690 6.19 -5.75 -18.66
CA ASN A 690 6.54 -5.01 -19.86
C ASN A 690 5.99 -3.60 -19.78
N THR A 691 6.85 -2.69 -19.31
CA THR A 691 6.34 -1.38 -18.96
C THR A 691 5.97 -0.58 -20.18
N LYS A 692 6.69 -0.78 -21.29
CA LYS A 692 6.37 -0.07 -22.55
C LYS A 692 5.00 -0.48 -23.09
N GLN A 693 4.80 -1.79 -23.23
CA GLN A 693 3.55 -2.31 -23.70
C GLN A 693 2.43 -1.77 -22.79
N TYR A 694 2.58 -1.93 -21.48
CA TYR A 694 1.61 -1.38 -20.56
C TYR A 694 1.33 0.11 -20.85
N THR A 695 2.35 0.92 -20.97
CA THR A 695 2.13 2.34 -21.24
C THR A 695 1.25 2.58 -22.48
N MET A 696 1.48 1.78 -23.52
CA MET A 696 0.85 1.97 -24.81
C MET A 696 -0.62 1.59 -24.72
N GLU A 697 -0.88 0.50 -23.99
CA GLU A 697 -2.23 0.04 -23.71
C GLU A 697 -2.94 1.05 -22.85
N LEU A 698 -2.27 1.53 -21.83
CA LEU A 698 -2.79 2.66 -21.04
C LEU A 698 -3.17 3.86 -21.92
N GLU A 699 -2.31 4.16 -22.89
CA GLU A 699 -2.55 5.23 -23.85
C GLU A 699 -3.87 5.00 -24.66
N ARG A 700 -4.05 3.81 -25.23
CA ARG A 700 -5.28 3.52 -25.97
C ARG A 700 -6.53 3.77 -25.12
N LEU A 701 -6.44 3.35 -23.86
CA LEU A 701 -7.55 3.47 -22.92
C LEU A 701 -7.82 4.92 -22.56
N TYR A 702 -6.77 5.71 -22.44
CA TYR A 702 -6.94 7.13 -22.19
C TYR A 702 -7.63 7.78 -23.36
N LEU A 703 -7.31 7.32 -24.57
CA LEU A 703 -7.87 7.95 -25.73
C LEU A 703 -9.33 7.52 -25.88
N GLN A 704 -9.65 6.27 -25.58
CA GLN A 704 -11.06 5.86 -25.51
C GLN A 704 -11.82 6.80 -24.56
N MET A 705 -11.29 6.99 -23.37
CA MET A 705 -11.94 7.85 -22.38
C MET A 705 -12.14 9.26 -22.92
N TRP A 706 -11.12 9.76 -23.61
CA TRP A 706 -11.19 11.08 -24.20
C TRP A 706 -12.22 11.20 -25.36
N GLU A 707 -12.22 10.27 -26.32
CA GLU A 707 -13.24 10.23 -27.37
C GLU A 707 -14.62 10.42 -26.79
N HIS A 708 -14.93 9.51 -25.88
CA HIS A 708 -16.27 9.33 -25.36
C HIS A 708 -16.75 10.65 -24.77
N TYR A 709 -15.87 11.35 -24.06
CA TYR A 709 -16.29 12.63 -23.48
C TYR A 709 -16.31 13.77 -24.53
N ALA A 710 -15.38 13.74 -25.48
CA ALA A 710 -15.32 14.78 -26.51
C ALA A 710 -16.54 14.71 -27.45
N ALA A 711 -17.03 13.49 -27.68
CA ALA A 711 -18.31 13.28 -28.32
C ALA A 711 -19.50 13.70 -27.43
N GLY A 712 -19.26 14.44 -26.35
CA GLY A 712 -20.32 14.90 -25.45
C GLY A 712 -20.95 13.91 -24.47
N ASN A 713 -20.64 12.62 -24.57
CA ASN A 713 -21.18 11.64 -23.61
C ASN A 713 -20.64 11.79 -22.18
N LYS A 714 -21.18 11.01 -21.26
CA LYS A 714 -20.73 10.97 -19.86
C LYS A 714 -19.95 9.69 -19.62
N PRO A 715 -19.23 9.62 -18.49
CA PRO A 715 -18.56 8.39 -18.16
C PRO A 715 -19.42 7.16 -18.38
N ASP A 716 -18.89 6.17 -19.08
CA ASP A 716 -19.54 4.87 -19.09
C ASP A 716 -18.48 3.75 -19.14
N HIS A 717 -18.87 2.53 -18.77
CA HIS A 717 -17.97 1.36 -18.79
C HIS A 717 -17.18 1.20 -20.08
N MET A 718 -15.89 0.91 -19.95
CA MET A 718 -15.05 0.61 -21.10
C MET A 718 -14.49 -0.77 -20.89
N ILE A 719 -15.34 -1.77 -21.15
CA ILE A 719 -14.98 -3.18 -21.11
C ILE A 719 -14.60 -3.59 -22.56
N LYS A 720 -13.66 -2.85 -23.14
CA LYS A 720 -13.10 -3.08 -24.49
C LYS A 720 -13.86 -4.13 -25.30
N SER B 7 13.27 2.33 7.39
CA SER B 7 13.43 0.85 7.27
C SER B 7 12.83 0.26 5.96
N SER B 8 11.49 0.26 5.83
CA SER B 8 10.77 -0.12 4.56
C SER B 8 9.32 0.47 4.41
N ARG B 9 9.07 1.18 3.29
CA ARG B 9 7.80 1.94 3.05
C ARG B 9 6.70 1.14 2.36
N VAL B 10 5.47 1.32 2.84
CA VAL B 10 4.33 0.48 2.46
C VAL B 10 3.12 1.35 2.16
N THR B 11 2.04 0.75 1.64
CA THR B 11 0.79 1.50 1.48
C THR B 11 0.12 1.67 2.82
N VAL B 12 -0.17 2.90 3.23
CA VAL B 12 -0.88 3.11 4.53
C VAL B 12 -2.02 4.15 4.47
N SER B 13 -2.98 3.97 5.35
CA SER B 13 -3.87 5.05 5.79
C SER B 13 -3.41 5.54 7.16
N1 12V C . 9.24 -5.11 0.95
C2 12V C . 10.54 -4.90 1.25
O2 12V C . 11.18 -3.95 0.81
N3 12V C . 11.25 -5.76 2.03
C4 12V C . 10.63 -6.89 2.54
O4 12V C . 11.32 -7.65 3.23
C5 12V C . 9.29 -7.11 2.26
C6 12V C . 8.59 -6.22 1.46
PA 12V C . 2.67 -3.09 0.77
PB 12V C . 1.19 -4.50 -1.27
C1' 12V C . 0.37 -2.06 -1.81
O1' 12V C . 0.82 -3.35 -2.31
O1A 12V C . 1.71 -2.04 0.54
C1B 12V C . 8.53 -4.08 0.13
O1B 12V C . 1.41 -5.74 -2.04
C2' 12V C . -1.09 -1.78 -2.18
N2' 12V C . -1.87 -2.81 -1.50
O2' 12V C . 8.36 -4.68 -2.22
O2A 12V C . 2.46 -3.98 1.95
C2B 12V C . 7.63 -4.53 -0.96
O2B 12V C . 0.20 -4.44 -0.20
C3' 12V C . -1.31 -1.86 -3.69
O3' 12V C . -2.69 -1.99 -4.01
O3A 12V C . 2.63 -4.02 -0.63
C3B 12V C . 6.67 -3.34 -0.97
O3B 12V C . 7.25 -2.24 -1.70
C4' 12V C . -0.72 -0.64 -4.41
O4' 12V C . -0.99 -0.90 -5.79
C4B 12V C . 6.54 -2.95 0.47
O4B 12V C . 7.62 -3.63 1.13
C5' 12V C . 0.84 -0.64 -4.21
S5' 12V C . 1.37 -0.78 -2.52
C5B 12V C . 5.24 -3.44 1.10
O5B 12V C . 4.18 -2.57 0.75
C6' 12V C . 1.50 0.59 -4.85
O6' 12V C . 1.13 1.80 -4.15
C7' 12V C . -2.50 -2.52 -0.39
O7' 12V C . -2.54 -1.41 0.07
C8' 12V C . -3.28 -3.65 0.25
#